data_2M3E
#
_entry.id   2M3E
#
_entity_poly.entity_id   1
_entity_poly.type   'polypeptide(L)'
_entity_poly.pdbx_seq_one_letter_code
;SNADVVYEKQMLYLYVLSGIGGLLLLLLIFIVLYKVGFFKRNLKEKMEAG
;
_entity_poly.pdbx_strand_id   A
#
# COMPACT_ATOMS: atom_id res chain seq x y z
N SER A 1 -7.15 23.99 19.52
CA SER A 1 -6.01 24.54 20.26
C SER A 1 -4.70 24.06 19.66
N ASN A 2 -3.76 24.99 19.49
CA ASN A 2 -2.45 24.67 18.93
C ASN A 2 -1.41 24.51 20.04
N ALA A 3 -1.03 23.27 20.31
CA ALA A 3 -0.04 22.98 21.34
C ALA A 3 1.37 23.08 20.78
N ASP A 4 2.36 22.73 21.61
CA ASP A 4 3.75 22.79 21.20
C ASP A 4 4.20 21.43 20.65
N VAL A 5 3.43 20.90 19.71
CA VAL A 5 3.74 19.61 19.11
C VAL A 5 4.10 19.77 17.64
N VAL A 6 3.56 20.81 17.01
CA VAL A 6 3.83 21.08 15.60
C VAL A 6 5.29 21.43 15.37
N TYR A 7 5.94 21.95 16.41
CA TYR A 7 7.34 22.35 16.32
C TYR A 7 8.24 21.29 16.97
N GLU A 8 7.66 20.50 17.86
CA GLU A 8 8.40 19.45 18.55
C GLU A 8 8.56 18.22 17.65
N LYS A 9 7.49 17.46 17.51
CA LYS A 9 7.51 16.26 16.68
C LYS A 9 6.10 15.70 16.52
N GLN A 10 5.43 16.08 15.43
CA GLN A 10 4.08 15.62 15.16
C GLN A 10 4.05 14.10 15.01
N MET A 11 5.21 13.50 14.77
CA MET A 11 5.32 12.06 14.62
C MET A 11 4.42 11.57 13.50
N LEU A 12 4.07 12.47 12.58
CA LEU A 12 3.22 12.12 11.45
C LEU A 12 4.03 11.51 10.31
N TYR A 13 5.29 11.93 10.20
CA TYR A 13 6.17 11.42 9.15
C TYR A 13 6.22 9.90 9.17
N LEU A 14 5.91 9.32 10.32
CA LEU A 14 5.92 7.87 10.48
C LEU A 14 4.65 7.25 9.90
N TYR A 15 3.51 7.89 10.16
CA TYR A 15 2.24 7.40 9.66
C TYR A 15 2.14 7.57 8.15
N VAL A 16 2.72 8.65 7.64
CA VAL A 16 2.71 8.93 6.21
C VAL A 16 3.67 8.01 5.46
N LEU A 17 4.77 7.65 6.11
CA LEU A 17 5.77 6.78 5.51
C LEU A 17 5.29 5.34 5.49
N SER A 18 4.59 4.93 6.55
CA SER A 18 4.08 3.58 6.65
C SER A 18 2.91 3.36 5.69
N GLY A 19 2.17 4.43 5.40
CA GLY A 19 1.05 4.33 4.49
C GLY A 19 1.48 4.22 3.04
N ILE A 20 2.51 4.97 2.67
CA ILE A 20 3.03 4.95 1.31
C ILE A 20 3.78 3.66 1.02
N GLY A 21 4.40 3.10 2.06
CA GLY A 21 5.15 1.86 1.90
C GLY A 21 4.25 0.66 1.75
N GLY A 22 3.11 0.68 2.43
CA GLY A 22 2.17 -0.43 2.36
C GLY A 22 1.43 -0.48 1.04
N LEU A 23 1.15 0.70 0.48
CA LEU A 23 0.44 0.79 -0.80
C LEU A 23 1.32 0.33 -1.95
N LEU A 24 2.59 0.71 -1.89
CA LEU A 24 3.54 0.34 -2.94
C LEU A 24 3.80 -1.16 -2.93
N LEU A 25 3.86 -1.74 -1.74
CA LEU A 25 4.10 -3.17 -1.59
C LEU A 25 2.86 -3.97 -1.99
N LEU A 26 1.69 -3.35 -1.87
CA LEU A 26 0.44 -4.00 -2.23
C LEU A 26 0.27 -4.07 -3.74
N LEU A 27 0.69 -3.02 -4.44
CA LEU A 27 0.59 -2.96 -5.89
C LEU A 27 1.64 -3.85 -6.54
N LEU A 28 2.81 -3.94 -5.92
CA LEU A 28 3.89 -4.76 -6.44
C LEU A 28 3.65 -6.24 -6.13
N ILE A 29 3.06 -6.50 -4.98
CA ILE A 29 2.77 -7.87 -4.57
C ILE A 29 1.64 -8.47 -5.41
N PHE A 30 0.70 -7.63 -5.82
CA PHE A 30 -0.43 -8.08 -6.62
C PHE A 30 0.00 -8.35 -8.06
N ILE A 31 0.91 -7.50 -8.58
CA ILE A 31 1.40 -7.65 -9.94
C ILE A 31 2.43 -8.78 -10.03
N VAL A 32 3.21 -8.94 -8.96
CA VAL A 32 4.22 -9.98 -8.91
C VAL A 32 3.60 -11.36 -8.80
N LEU A 33 2.44 -11.43 -8.16
CA LEU A 33 1.73 -12.69 -7.98
C LEU A 33 0.90 -13.03 -9.21
N TYR A 34 0.45 -12.00 -9.91
CA TYR A 34 -0.36 -12.20 -11.11
C TYR A 34 0.53 -12.47 -12.33
N LYS A 35 1.80 -12.10 -12.23
CA LYS A 35 2.75 -12.30 -13.31
C LYS A 35 3.41 -13.67 -13.19
N VAL A 36 3.74 -14.07 -11.97
CA VAL A 36 4.38 -15.35 -11.73
C VAL A 36 3.42 -16.50 -12.00
N GLY A 37 2.13 -16.25 -11.82
CA GLY A 37 1.13 -17.27 -12.05
C GLY A 37 0.28 -17.56 -10.84
N PHE A 38 0.71 -17.03 -9.69
CA PHE A 38 -0.02 -17.24 -8.43
C PHE A 38 -1.47 -16.84 -8.58
N PHE A 39 -1.71 -15.58 -8.91
CA PHE A 39 -3.06 -15.06 -9.08
C PHE A 39 -3.64 -15.49 -10.42
N LYS A 40 -2.82 -16.15 -11.23
CA LYS A 40 -3.26 -16.61 -12.54
C LYS A 40 -4.04 -17.92 -12.43
N ARG A 41 -4.20 -18.40 -11.20
CA ARG A 41 -4.93 -19.64 -10.96
C ARG A 41 -6.13 -19.40 -10.06
N ASN A 42 -6.88 -18.34 -10.35
CA ASN A 42 -8.06 -17.99 -9.57
C ASN A 42 -8.82 -16.83 -10.21
N LEU A 43 -10.12 -16.78 -9.96
CA LEU A 43 -10.97 -15.72 -10.51
C LEU A 43 -11.02 -14.53 -9.57
N LYS A 44 -10.11 -13.57 -9.77
CA LYS A 44 -10.06 -12.38 -8.94
C LYS A 44 -11.39 -11.62 -9.00
N GLU A 45 -11.56 -10.68 -8.08
CA GLU A 45 -12.79 -9.88 -8.03
C GLU A 45 -12.49 -8.42 -8.35
N LYS A 46 -11.29 -7.97 -7.99
CA LYS A 46 -10.88 -6.59 -8.24
C LYS A 46 -11.87 -5.61 -7.60
N MET A 47 -12.19 -5.84 -6.33
CA MET A 47 -13.10 -4.98 -5.60
C MET A 47 -12.51 -3.58 -5.42
N GLU A 48 -13.34 -2.64 -4.98
CA GLU A 48 -12.90 -1.27 -4.76
C GLU A 48 -13.99 -0.44 -4.10
N ALA A 49 -13.87 -0.26 -2.79
CA ALA A 49 -14.85 0.51 -2.02
C ALA A 49 -14.66 2.00 -2.26
N GLY A 50 -15.74 2.76 -2.12
CA GLY A 50 -15.69 4.20 -2.32
C GLY A 50 -15.91 4.97 -1.03
N SER A 1 -8.01 16.18 23.23
CA SER A 1 -7.89 16.85 21.95
C SER A 1 -6.70 16.31 21.16
N ASN A 2 -6.79 15.06 20.74
CA ASN A 2 -5.73 14.42 19.98
C ASN A 2 -5.96 14.58 18.48
N ALA A 3 -5.48 15.69 17.93
CA ALA A 3 -5.62 15.97 16.51
C ALA A 3 -4.36 15.61 15.74
N ASP A 4 -3.68 14.56 16.19
CA ASP A 4 -2.45 14.11 15.55
C ASP A 4 -1.37 15.18 15.64
N VAL A 5 -1.42 15.98 16.71
CA VAL A 5 -0.46 17.05 16.91
C VAL A 5 -0.74 17.81 18.19
N VAL A 6 0.01 17.50 19.25
CA VAL A 6 -0.17 18.16 20.53
C VAL A 6 1.17 18.52 21.15
N TYR A 7 2.13 17.60 21.05
CA TYR A 7 3.46 17.82 21.61
C TYR A 7 4.51 17.90 20.50
N GLU A 8 5.76 18.14 20.89
CA GLU A 8 6.85 18.25 19.93
C GLU A 8 6.91 17.01 19.04
N LYS A 9 7.31 17.21 17.79
CA LYS A 9 7.40 16.11 16.83
C LYS A 9 6.09 15.34 16.74
N GLN A 10 5.24 15.75 15.80
CA GLN A 10 3.96 15.09 15.61
C GLN A 10 4.13 13.63 15.27
N MET A 11 5.33 13.26 14.83
CA MET A 11 5.63 11.88 14.47
C MET A 11 4.69 11.39 13.38
N LEU A 12 4.11 12.32 12.63
CA LEU A 12 3.19 11.98 11.55
C LEU A 12 3.95 11.51 10.32
N TYR A 13 5.10 12.12 10.06
CA TYR A 13 5.91 11.76 8.91
C TYR A 13 6.19 10.26 8.88
N LEU A 14 6.12 9.63 10.06
CA LEU A 14 6.35 8.20 10.16
C LEU A 14 5.13 7.41 9.73
N TYR A 15 3.95 7.88 10.13
CA TYR A 15 2.70 7.22 9.79
C TYR A 15 2.39 7.38 8.30
N VAL A 16 2.74 8.54 7.75
CA VAL A 16 2.51 8.82 6.33
C VAL A 16 3.49 8.05 5.46
N LEU A 17 4.70 7.85 5.96
CA LEU A 17 5.73 7.13 5.22
C LEU A 17 5.46 5.63 5.22
N SER A 18 4.94 5.14 6.34
CA SER A 18 4.63 3.72 6.48
C SER A 18 3.38 3.35 5.68
N GLY A 19 2.50 4.32 5.50
CA GLY A 19 1.28 4.07 4.76
C GLY A 19 1.51 4.05 3.26
N ILE A 20 2.39 4.91 2.78
CA ILE A 20 2.71 4.98 1.36
C ILE A 20 3.57 3.81 0.93
N GLY A 21 4.41 3.33 1.85
CA GLY A 21 5.29 2.21 1.55
C GLY A 21 4.55 0.89 1.52
N GLY A 22 3.53 0.77 2.37
CA GLY A 22 2.76 -0.47 2.43
C GLY A 22 1.82 -0.61 1.26
N LEU A 23 1.29 0.52 0.77
CA LEU A 23 0.37 0.52 -0.36
C LEU A 23 1.10 0.20 -1.66
N LEU A 24 2.31 0.73 -1.79
CA LEU A 24 3.11 0.51 -2.99
C LEU A 24 3.57 -0.95 -3.07
N LEU A 25 3.90 -1.52 -1.93
CA LEU A 25 4.36 -2.90 -1.85
C LEU A 25 3.20 -3.87 -2.06
N LEU A 26 1.99 -3.42 -1.73
CA LEU A 26 0.80 -4.25 -1.88
C LEU A 26 0.37 -4.33 -3.34
N LEU A 27 0.53 -3.22 -4.06
CA LEU A 27 0.17 -3.18 -5.47
C LEU A 27 1.19 -3.91 -6.33
N LEU A 28 2.46 -3.83 -5.92
CA LEU A 28 3.53 -4.49 -6.65
C LEU A 28 3.56 -5.99 -6.34
N ILE A 29 3.21 -6.34 -5.11
CA ILE A 29 3.19 -7.73 -4.69
C ILE A 29 2.02 -8.48 -5.31
N PHE A 30 0.92 -7.76 -5.53
CA PHE A 30 -0.27 -8.36 -6.13
C PHE A 30 -0.08 -8.59 -7.63
N ILE A 31 0.59 -7.64 -8.28
CA ILE A 31 0.84 -7.73 -9.71
C ILE A 31 1.97 -8.72 -10.01
N VAL A 32 2.96 -8.74 -9.13
CA VAL A 32 4.11 -9.64 -9.28
C VAL A 32 3.70 -11.09 -9.08
N LEU A 33 2.71 -11.31 -8.21
CA LEU A 33 2.23 -12.65 -7.93
C LEU A 33 1.26 -13.11 -9.01
N TYR A 34 0.52 -12.17 -9.58
CA TYR A 34 -0.45 -12.49 -10.62
C TYR A 34 0.24 -12.68 -11.97
N LYS A 35 1.47 -12.19 -12.07
CA LYS A 35 2.25 -12.31 -13.29
C LYS A 35 3.29 -13.41 -13.18
N VAL A 36 3.58 -13.82 -11.95
CA VAL A 36 4.56 -14.87 -11.70
C VAL A 36 3.92 -16.25 -11.76
N GLY A 37 2.66 -16.33 -11.37
CA GLY A 37 1.95 -17.60 -11.39
C GLY A 37 1.33 -17.94 -10.05
N PHE A 38 0.61 -16.99 -9.47
CA PHE A 38 -0.03 -17.21 -8.18
C PHE A 38 -1.52 -16.85 -8.25
N PHE A 39 -1.80 -15.58 -8.50
CA PHE A 39 -3.18 -15.11 -8.58
C PHE A 39 -3.83 -15.56 -9.88
N LYS A 40 -3.03 -16.13 -10.77
CA LYS A 40 -3.51 -16.61 -12.06
C LYS A 40 -4.57 -17.70 -11.86
N ARG A 41 -5.01 -18.29 -12.97
CA ARG A 41 -6.01 -19.35 -12.92
C ARG A 41 -7.29 -18.85 -12.28
N ASN A 42 -7.51 -17.53 -12.34
CA ASN A 42 -8.70 -16.93 -11.77
C ASN A 42 -8.86 -15.48 -12.24
N LEU A 43 -9.91 -15.22 -13.00
CA LEU A 43 -10.18 -13.88 -13.52
C LEU A 43 -10.15 -12.85 -12.40
N LYS A 44 -11.12 -12.93 -11.49
CA LYS A 44 -11.20 -12.01 -10.37
C LYS A 44 -12.18 -12.52 -9.32
N GLU A 45 -12.29 -11.78 -8.22
CA GLU A 45 -13.20 -12.17 -7.13
C GLU A 45 -14.15 -11.02 -6.79
N LYS A 46 -13.59 -9.90 -6.34
CA LYS A 46 -14.39 -8.74 -5.98
C LYS A 46 -13.59 -7.45 -6.18
N MET A 47 -14.05 -6.61 -7.09
CA MET A 47 -13.40 -5.34 -7.38
C MET A 47 -14.29 -4.16 -7.02
N GLU A 48 -14.97 -4.27 -5.88
CA GLU A 48 -15.86 -3.22 -5.42
C GLU A 48 -15.27 -2.48 -4.22
N ALA A 49 -14.47 -3.20 -3.44
CA ALA A 49 -13.83 -2.62 -2.26
C ALA A 49 -12.32 -2.55 -2.43
N GLY A 50 -11.73 -1.45 -1.96
CA GLY A 50 -10.29 -1.28 -2.07
C GLY A 50 -9.79 -0.12 -1.23
N SER A 1 -6.03 12.17 20.11
CA SER A 1 -5.17 12.40 21.27
C SER A 1 -5.28 13.85 21.75
N ASN A 2 -5.55 14.01 23.04
CA ASN A 2 -5.69 15.35 23.62
C ASN A 2 -4.35 15.84 24.18
N ALA A 3 -3.39 16.04 23.28
CA ALA A 3 -2.07 16.51 23.67
C ALA A 3 -1.57 17.59 22.73
N ASP A 4 -0.39 18.13 23.02
CA ASP A 4 0.20 19.17 22.18
C ASP A 4 1.45 18.66 21.47
N VAL A 5 1.24 18.03 20.31
CA VAL A 5 2.34 17.49 19.53
C VAL A 5 2.44 18.17 18.17
N VAL A 6 1.38 18.90 17.80
CA VAL A 6 1.34 19.61 16.53
C VAL A 6 2.23 20.85 16.56
N TYR A 7 2.78 21.15 17.74
CA TYR A 7 3.65 22.31 17.91
C TYR A 7 5.12 21.88 17.94
N GLU A 8 5.35 20.57 17.95
CA GLU A 8 6.70 20.03 17.99
C GLU A 8 6.71 18.54 17.68
N LYS A 9 7.57 18.14 16.75
CA LYS A 9 7.67 16.73 16.36
C LYS A 9 6.29 16.11 16.18
N GLN A 10 5.64 16.44 15.08
CA GLN A 10 4.31 15.91 14.79
C GLN A 10 4.31 14.38 14.81
N MET A 11 5.49 13.80 14.60
CA MET A 11 5.62 12.35 14.59
C MET A 11 4.68 11.71 13.58
N LEU A 12 4.28 12.49 12.58
CA LEU A 12 3.37 12.01 11.55
C LEU A 12 4.15 11.39 10.40
N TYR A 13 5.42 11.76 10.28
CA TYR A 13 6.27 11.24 9.22
C TYR A 13 6.35 9.71 9.27
N LEU A 14 6.02 9.16 10.44
CA LEU A 14 6.05 7.71 10.64
C LEU A 14 4.80 7.06 10.06
N TYR A 15 3.65 7.63 10.37
CA TYR A 15 2.38 7.11 9.88
C TYR A 15 2.26 7.28 8.36
N VAL A 16 2.82 8.39 7.86
CA VAL A 16 2.79 8.68 6.44
C VAL A 16 3.75 7.79 5.66
N LEU A 17 4.87 7.45 6.30
CA LEU A 17 5.88 6.60 5.68
C LEU A 17 5.44 5.14 5.64
N SER A 18 4.74 4.72 6.70
CA SER A 18 4.25 3.34 6.79
C SER A 18 3.08 3.12 5.84
N GLY A 19 2.33 4.19 5.57
CA GLY A 19 1.19 4.08 4.68
C GLY A 19 1.61 3.99 3.22
N ILE A 20 2.63 4.76 2.85
CA ILE A 20 3.12 4.77 1.48
C ILE A 20 3.88 3.49 1.17
N GLY A 21 4.53 2.93 2.18
CA GLY A 21 5.29 1.70 1.99
C GLY A 21 4.39 0.48 1.84
N GLY A 22 3.27 0.48 2.54
CA GLY A 22 2.35 -0.63 2.46
C GLY A 22 1.58 -0.66 1.16
N LEU A 23 1.28 0.51 0.62
CA LEU A 23 0.55 0.62 -0.63
C LEU A 23 1.41 0.18 -1.81
N LEU A 24 2.68 0.57 -1.78
CA LEU A 24 3.62 0.22 -2.84
C LEU A 24 3.88 -1.27 -2.87
N LEU A 25 3.96 -1.87 -1.68
CA LEU A 25 4.21 -3.31 -1.57
C LEU A 25 2.97 -4.10 -1.96
N LEU A 26 1.81 -3.49 -1.82
CA LEU A 26 0.54 -4.14 -2.16
C LEU A 26 0.34 -4.18 -3.67
N LEU A 27 0.75 -3.12 -4.34
CA LEU A 27 0.62 -3.02 -5.79
C LEU A 27 1.65 -3.90 -6.49
N LEU A 28 2.83 -4.00 -5.90
CA LEU A 28 3.91 -4.82 -6.46
C LEU A 28 3.68 -6.30 -6.17
N ILE A 29 3.10 -6.59 -5.00
CA ILE A 29 2.83 -7.96 -4.61
C ILE A 29 1.67 -8.55 -5.42
N PHE A 30 0.73 -7.69 -5.80
CA PHE A 30 -0.43 -8.12 -6.59
C PHE A 30 -0.03 -8.37 -8.04
N ILE A 31 0.86 -7.52 -8.56
CA ILE A 31 1.31 -7.66 -9.94
C ILE A 31 2.33 -8.78 -10.07
N VAL A 32 3.14 -8.96 -9.04
CA VAL A 32 4.16 -10.00 -9.03
C VAL A 32 3.53 -11.38 -8.91
N LEU A 33 2.39 -11.45 -8.22
CA LEU A 33 1.69 -12.71 -8.03
C LEU A 33 0.83 -13.05 -9.24
N TYR A 34 0.37 -12.01 -9.93
CA TYR A 34 -0.47 -12.20 -11.11
C TYR A 34 0.38 -12.46 -12.35
N LYS A 35 1.66 -12.09 -12.28
CA LYS A 35 2.57 -12.30 -13.39
C LYS A 35 3.23 -13.68 -13.30
N VAL A 36 3.58 -14.09 -12.09
CA VAL A 36 4.21 -15.38 -11.86
C VAL A 36 3.24 -16.52 -12.16
N GLY A 37 1.97 -16.30 -11.89
CA GLY A 37 0.97 -17.32 -12.14
C GLY A 37 0.10 -17.60 -10.92
N PHE A 38 0.50 -17.03 -9.78
CA PHE A 38 -0.23 -17.23 -8.53
C PHE A 38 -1.66 -16.73 -8.67
N PHE A 39 -1.81 -15.43 -8.89
CA PHE A 39 -3.14 -14.82 -9.04
C PHE A 39 -3.65 -14.98 -10.47
N LYS A 40 -2.73 -15.21 -11.40
CA LYS A 40 -3.10 -15.38 -12.80
C LYS A 40 -4.19 -16.44 -12.96
N ARG A 41 -5.42 -15.98 -13.19
CA ARG A 41 -6.55 -16.88 -13.36
C ARG A 41 -7.38 -16.48 -14.56
N ASN A 42 -8.06 -15.33 -14.47
CA ASN A 42 -8.89 -14.85 -15.56
C ASN A 42 -8.05 -14.18 -16.64
N LEU A 43 -8.62 -14.04 -17.83
CA LEU A 43 -7.91 -13.41 -18.95
C LEU A 43 -7.50 -11.98 -18.60
N LYS A 44 -6.33 -11.57 -19.08
CA LYS A 44 -5.83 -10.23 -18.82
C LYS A 44 -6.80 -9.17 -19.34
N GLU A 45 -6.43 -7.90 -19.20
CA GLU A 45 -7.27 -6.81 -19.65
C GLU A 45 -8.59 -6.78 -18.89
N LYS A 46 -8.53 -7.09 -17.59
CA LYS A 46 -9.71 -7.11 -16.76
C LYS A 46 -9.85 -5.79 -15.98
N MET A 47 -9.37 -4.71 -16.58
CA MET A 47 -9.45 -3.40 -15.95
C MET A 47 -9.26 -2.28 -16.99
N GLU A 48 -9.63 -1.07 -16.60
CA GLU A 48 -9.51 0.08 -17.50
C GLU A 48 -10.37 -0.11 -18.75
N ALA A 49 -11.60 -0.56 -18.55
CA ALA A 49 -12.51 -0.79 -19.65
C ALA A 49 -13.62 0.27 -19.68
N GLY A 50 -13.37 1.35 -20.42
CA GLY A 50 -14.34 2.43 -20.52
C GLY A 50 -13.87 3.70 -19.83
N SER A 1 -4.47 21.88 13.20
CA SER A 1 -3.46 20.93 12.76
C SER A 1 -2.07 21.57 12.81
N ASN A 2 -1.84 22.56 11.96
CA ASN A 2 -0.56 23.25 11.91
C ASN A 2 -0.48 24.34 12.97
N ALA A 3 -0.21 23.94 14.20
CA ALA A 3 -0.11 24.88 15.31
C ALA A 3 1.13 24.59 16.17
N ASP A 4 2.22 25.30 15.88
CA ASP A 4 3.45 25.11 16.62
C ASP A 4 4.00 23.71 16.44
N VAL A 5 4.21 23.32 15.18
CA VAL A 5 4.73 22.00 14.85
C VAL A 5 6.04 22.09 14.09
N VAL A 6 7.10 22.53 14.77
CA VAL A 6 8.41 22.67 14.16
C VAL A 6 9.49 22.03 15.02
N TYR A 7 9.48 22.36 16.31
CA TYR A 7 10.46 21.83 17.25
C TYR A 7 10.07 20.43 17.70
N GLU A 8 8.80 20.26 18.07
CA GLU A 8 8.30 18.98 18.52
C GLU A 8 8.35 17.94 17.40
N LYS A 9 7.64 16.83 17.59
CA LYS A 9 7.60 15.76 16.60
C LYS A 9 6.19 15.19 16.47
N GLN A 10 5.42 15.74 15.53
CA GLN A 10 4.06 15.27 15.31
C GLN A 10 4.01 13.76 15.16
N MET A 11 5.15 13.17 14.78
CA MET A 11 5.23 11.72 14.59
C MET A 11 4.26 11.25 13.51
N LEU A 12 3.81 12.18 12.68
CA LEU A 12 2.89 11.86 11.60
C LEU A 12 3.65 11.39 10.35
N TYR A 13 4.82 11.97 10.14
CA TYR A 13 5.64 11.61 8.99
C TYR A 13 5.83 10.10 8.90
N LEU A 14 5.80 9.44 10.05
CA LEU A 14 5.97 7.99 10.09
C LEU A 14 4.72 7.27 9.60
N TYR A 15 3.56 7.80 9.97
CA TYR A 15 2.29 7.21 9.56
C TYR A 15 2.08 7.36 8.05
N VAL A 16 2.42 8.54 7.53
CA VAL A 16 2.29 8.81 6.10
C VAL A 16 3.28 8.00 5.29
N LEU A 17 4.47 7.78 5.86
CA LEU A 17 5.51 7.02 5.18
C LEU A 17 5.19 5.53 5.17
N SER A 18 4.60 5.05 6.26
CA SER A 18 4.24 3.64 6.39
C SER A 18 3.05 3.31 5.51
N GLY A 19 2.20 4.31 5.27
CA GLY A 19 1.02 4.11 4.44
C GLY A 19 1.36 4.06 2.97
N ILE A 20 2.29 4.89 2.54
CA ILE A 20 2.69 4.94 1.14
C ILE A 20 3.56 3.74 0.79
N GLY A 21 4.32 3.25 1.76
CA GLY A 21 5.19 2.11 1.53
C GLY A 21 4.42 0.80 1.46
N GLY A 22 3.35 0.70 2.24
CA GLY A 22 2.55 -0.51 2.25
C GLY A 22 1.66 -0.62 1.03
N LEU A 23 1.21 0.53 0.51
CA LEU A 23 0.35 0.54 -0.67
C LEU A 23 1.14 0.20 -1.93
N LEU A 24 2.38 0.70 -1.99
CA LEU A 24 3.24 0.46 -3.14
C LEU A 24 3.68 -1.01 -3.19
N LEU A 25 3.94 -1.58 -2.02
CA LEU A 25 4.38 -2.97 -1.93
C LEU A 25 3.20 -3.92 -2.19
N LEU A 26 1.99 -3.44 -1.90
CA LEU A 26 0.79 -4.23 -2.10
C LEU A 26 0.45 -4.35 -3.58
N LEU A 27 0.64 -3.25 -4.30
CA LEU A 27 0.35 -3.23 -5.75
C LEU A 27 1.40 -4.01 -6.53
N LEU A 28 2.65 -3.92 -6.08
CA LEU A 28 3.75 -4.62 -6.74
C LEU A 28 3.73 -6.10 -6.39
N ILE A 29 3.30 -6.42 -5.17
CA ILE A 29 3.23 -7.81 -4.72
C ILE A 29 2.14 -8.56 -5.46
N PHE A 30 1.04 -7.88 -5.74
CA PHE A 30 -0.09 -8.49 -6.44
C PHE A 30 0.23 -8.71 -7.91
N ILE A 31 0.97 -7.77 -8.49
CA ILE A 31 1.35 -7.85 -9.89
C ILE A 31 2.46 -8.89 -10.10
N VAL A 32 3.39 -8.94 -9.14
CA VAL A 32 4.50 -9.89 -9.23
C VAL A 32 4.01 -11.31 -9.05
N LEU A 33 2.95 -11.49 -8.27
CA LEU A 33 2.39 -12.81 -8.02
C LEU A 33 1.60 -13.30 -9.22
N TYR A 34 0.75 -12.43 -9.77
CA TYR A 34 -0.06 -12.77 -10.93
C TYR A 34 0.80 -12.87 -12.18
N LYS A 35 2.02 -12.33 -12.11
CA LYS A 35 2.94 -12.37 -13.24
C LYS A 35 3.79 -13.63 -13.21
N VAL A 36 4.01 -14.17 -12.02
CA VAL A 36 4.80 -15.39 -11.86
C VAL A 36 3.92 -16.64 -11.92
N GLY A 37 2.68 -16.49 -11.46
CA GLY A 37 1.77 -17.62 -11.47
C GLY A 37 1.18 -17.90 -10.09
N PHE A 38 0.59 -16.88 -9.48
CA PHE A 38 0.00 -17.02 -8.16
C PHE A 38 -1.45 -16.57 -8.17
N PHE A 39 -1.68 -15.32 -8.55
CA PHE A 39 -3.03 -14.76 -8.60
C PHE A 39 -3.66 -14.99 -9.97
N LYS A 40 -3.03 -15.83 -10.77
CA LYS A 40 -3.52 -16.13 -12.11
C LYS A 40 -4.61 -17.21 -12.05
N ARG A 41 -4.91 -17.67 -10.85
CA ARG A 41 -5.93 -18.71 -10.65
C ARG A 41 -7.30 -18.07 -10.42
N ASN A 42 -7.35 -17.10 -9.52
CA ASN A 42 -8.61 -16.41 -9.21
C ASN A 42 -8.66 -15.04 -9.87
N LEU A 43 -9.84 -14.43 -9.86
CA LEU A 43 -10.02 -13.11 -10.46
C LEU A 43 -9.83 -12.01 -9.41
N LYS A 44 -9.45 -10.82 -9.88
CA LYS A 44 -9.24 -9.69 -8.99
C LYS A 44 -10.45 -9.46 -8.10
N GLU A 45 -10.26 -8.67 -7.05
CA GLU A 45 -11.34 -8.37 -6.12
C GLU A 45 -11.58 -6.87 -6.03
N LYS A 46 -10.51 -6.10 -5.89
CA LYS A 46 -10.60 -4.66 -5.79
C LYS A 46 -9.50 -3.98 -6.62
N MET A 47 -9.42 -2.66 -6.53
CA MET A 47 -8.43 -1.90 -7.26
C MET A 47 -7.98 -0.67 -6.46
N GLU A 48 -6.67 -0.39 -6.50
CA GLU A 48 -6.13 0.75 -5.79
C GLU A 48 -6.17 2.01 -6.63
N ALA A 49 -7.37 2.36 -7.10
CA ALA A 49 -7.56 3.54 -7.93
C ALA A 49 -7.90 4.75 -7.07
N GLY A 50 -7.31 5.89 -7.41
CA GLY A 50 -7.55 7.12 -6.67
C GLY A 50 -7.31 8.36 -7.49
N SER A 1 -7.93 19.44 10.38
CA SER A 1 -6.57 19.14 10.82
C SER A 1 -5.96 20.32 11.55
N ASN A 2 -4.83 20.08 12.22
CA ASN A 2 -4.14 21.13 12.96
C ASN A 2 -3.19 21.90 12.06
N ALA A 3 -3.25 23.23 12.13
CA ALA A 3 -2.39 24.08 11.32
C ALA A 3 -1.18 24.57 12.11
N ASP A 4 -0.80 23.79 13.13
CA ASP A 4 0.33 24.14 13.97
C ASP A 4 1.34 22.99 14.03
N VAL A 5 2.29 23.00 13.11
CA VAL A 5 3.32 21.96 13.06
C VAL A 5 4.71 22.55 12.92
N VAL A 6 5.19 23.18 13.99
CA VAL A 6 6.51 23.79 13.99
C VAL A 6 7.61 22.74 13.89
N TYR A 7 7.43 21.64 14.61
CA TYR A 7 8.41 20.55 14.61
C TYR A 7 7.84 19.31 13.94
N GLU A 8 8.62 18.23 13.95
CA GLU A 8 8.18 16.97 13.34
C GLU A 8 7.99 15.90 14.41
N LYS A 9 7.78 16.33 15.65
CA LYS A 9 7.59 15.41 16.76
C LYS A 9 6.17 14.85 16.76
N GLN A 10 5.36 15.29 15.80
CA GLN A 10 3.98 14.84 15.69
C GLN A 10 3.91 13.37 15.33
N MET A 11 5.06 12.80 14.96
CA MET A 11 5.13 11.39 14.59
C MET A 11 4.17 11.08 13.46
N LEU A 12 3.90 12.07 12.61
CA LEU A 12 2.99 11.90 11.49
C LEU A 12 3.74 11.43 10.24
N TYR A 13 4.90 12.03 10.00
CA TYR A 13 5.72 11.68 8.85
C TYR A 13 5.96 10.17 8.78
N LEU A 14 5.88 9.52 9.94
CA LEU A 14 6.09 8.07 10.02
C LEU A 14 4.85 7.32 9.56
N TYR A 15 3.68 7.84 9.92
CA TYR A 15 2.41 7.22 9.55
C TYR A 15 2.15 7.38 8.05
N VAL A 16 2.53 8.53 7.52
CA VAL A 16 2.34 8.81 6.09
C VAL A 16 3.32 8.02 5.24
N LEU A 17 4.52 7.80 5.77
CA LEU A 17 5.54 7.05 5.06
C LEU A 17 5.24 5.56 5.07
N SER A 18 4.69 5.08 6.17
CA SER A 18 4.35 3.66 6.30
C SER A 18 3.12 3.32 5.47
N GLY A 19 2.26 4.32 5.26
CA GLY A 19 1.05 4.10 4.48
C GLY A 19 1.33 4.06 2.99
N ILE A 20 2.24 4.91 2.52
CA ILE A 20 2.59 4.97 1.11
C ILE A 20 3.44 3.77 0.71
N GLY A 21 4.24 3.27 1.66
CA GLY A 21 5.09 2.14 1.39
C GLY A 21 4.32 0.83 1.34
N GLY A 22 3.28 0.73 2.17
CA GLY A 22 2.48 -0.47 2.21
C GLY A 22 1.58 -0.61 0.99
N LEU A 23 1.10 0.53 0.48
CA LEU A 23 0.22 0.53 -0.69
C LEU A 23 0.99 0.20 -1.95
N LEU A 24 2.20 0.74 -2.06
CA LEU A 24 3.04 0.50 -3.23
C LEU A 24 3.52 -0.94 -3.27
N LEU A 25 3.73 -1.53 -2.09
CA LEU A 25 4.18 -2.91 -1.98
C LEU A 25 3.04 -3.88 -2.31
N LEU A 26 1.82 -3.48 -1.96
CA LEU A 26 0.65 -4.32 -2.21
C LEU A 26 0.33 -4.38 -3.72
N LEU A 27 0.56 -3.26 -4.41
CA LEU A 27 0.31 -3.19 -5.84
C LEU A 27 1.36 -3.96 -6.62
N LEU A 28 2.61 -3.87 -6.17
CA LEU A 28 3.72 -4.56 -6.83
C LEU A 28 3.73 -6.04 -6.47
N ILE A 29 3.32 -6.35 -5.23
CA ILE A 29 3.29 -7.73 -4.76
C ILE A 29 2.16 -8.50 -5.44
N PHE A 30 1.07 -7.81 -5.74
CA PHE A 30 -0.08 -8.44 -6.38
C PHE A 30 0.20 -8.69 -7.86
N ILE A 31 0.88 -7.74 -8.50
CA ILE A 31 1.23 -7.86 -9.91
C ILE A 31 2.35 -8.86 -10.12
N VAL A 32 3.29 -8.90 -9.19
CA VAL A 32 4.41 -9.83 -9.27
C VAL A 32 3.97 -11.26 -9.05
N LEU A 33 2.92 -11.43 -8.24
CA LEU A 33 2.40 -12.77 -7.95
C LEU A 33 1.43 -13.22 -9.04
N TYR A 34 0.82 -12.26 -9.73
CA TYR A 34 -0.12 -12.56 -10.79
C TYR A 34 0.61 -12.81 -12.11
N LYS A 35 1.86 -12.34 -12.19
CA LYS A 35 2.67 -12.52 -13.38
C LYS A 35 3.49 -13.81 -13.31
N VAL A 36 3.88 -14.18 -12.10
CA VAL A 36 4.67 -15.39 -11.88
C VAL A 36 3.80 -16.64 -11.99
N GLY A 37 2.55 -16.52 -11.56
CA GLY A 37 1.63 -17.65 -11.62
C GLY A 37 1.14 -18.06 -10.25
N PHE A 38 0.89 -17.09 -9.39
CA PHE A 38 0.42 -17.37 -8.03
C PHE A 38 -1.04 -16.95 -7.87
N PHE A 39 -1.31 -15.66 -8.05
CA PHE A 39 -2.66 -15.14 -7.92
C PHE A 39 -3.41 -15.25 -9.25
N LYS A 40 -2.80 -15.90 -10.22
CA LYS A 40 -3.40 -16.08 -11.54
C LYS A 40 -4.45 -17.18 -11.51
N ARG A 41 -4.60 -17.83 -10.35
CA ARG A 41 -5.57 -18.91 -10.20
C ARG A 41 -6.98 -18.35 -10.08
N ASN A 42 -7.19 -17.45 -9.11
CA ASN A 42 -8.49 -16.85 -8.90
C ASN A 42 -8.81 -15.84 -10.00
N LEU A 43 -10.06 -15.85 -10.46
CA LEU A 43 -10.50 -14.94 -11.51
C LEU A 43 -10.38 -13.50 -11.05
N LYS A 44 -10.78 -13.23 -9.82
CA LYS A 44 -10.71 -11.89 -9.26
C LYS A 44 -9.27 -11.40 -9.18
N GLU A 45 -9.00 -10.25 -9.79
CA GLU A 45 -7.66 -9.68 -9.78
C GLU A 45 -7.52 -8.65 -8.66
N LYS A 46 -8.47 -7.73 -8.58
CA LYS A 46 -8.45 -6.69 -7.57
C LYS A 46 -9.42 -7.02 -6.44
N MET A 47 -9.08 -8.03 -5.64
CA MET A 47 -9.93 -8.44 -4.53
C MET A 47 -9.87 -7.41 -3.40
N GLU A 48 -8.76 -6.69 -3.31
CA GLU A 48 -8.59 -5.68 -2.28
C GLU A 48 -8.75 -6.29 -0.89
N ALA A 49 -8.40 -7.56 -0.76
CA ALA A 49 -8.52 -8.26 0.52
C ALA A 49 -7.22 -8.99 0.86
N GLY A 50 -6.62 -8.62 1.99
CA GLY A 50 -5.38 -9.25 2.40
C GLY A 50 -5.13 -9.09 3.89
N SER A 1 -6.95 26.98 14.75
CA SER A 1 -7.62 26.34 15.87
C SER A 1 -6.67 26.15 17.05
N ASN A 2 -5.81 27.15 17.27
CA ASN A 2 -4.85 27.10 18.36
C ASN A 2 -4.01 25.82 18.29
N ALA A 3 -3.78 25.34 17.08
CA ALA A 3 -2.99 24.13 16.87
C ALA A 3 -1.53 24.46 16.64
N ASP A 4 -0.81 24.73 17.72
CA ASP A 4 0.61 25.07 17.64
C ASP A 4 1.46 23.81 17.78
N VAL A 5 1.19 22.80 16.96
CA VAL A 5 1.94 21.56 17.00
C VAL A 5 2.65 21.30 15.68
N VAL A 6 3.62 22.16 15.36
CA VAL A 6 4.39 22.03 14.13
C VAL A 6 5.85 21.72 14.41
N TYR A 7 6.34 22.22 15.55
CA TYR A 7 7.73 22.01 15.94
C TYR A 7 7.88 20.68 16.67
N GLU A 8 6.98 20.40 17.58
CA GLU A 8 7.01 19.16 18.35
C GLU A 8 7.08 17.95 17.42
N LYS A 9 7.48 16.81 17.97
CA LYS A 9 7.58 15.58 17.20
C LYS A 9 6.20 15.00 16.90
N GLN A 10 5.48 15.64 15.98
CA GLN A 10 4.15 15.18 15.60
C GLN A 10 4.14 13.68 15.33
N MET A 11 5.30 13.14 14.96
CA MET A 11 5.42 11.71 14.67
C MET A 11 4.49 11.31 13.53
N LEU A 12 4.11 12.28 12.71
CA LEU A 12 3.22 12.02 11.59
C LEU A 12 4.00 11.49 10.39
N TYR A 13 5.22 11.99 10.20
CA TYR A 13 6.07 11.56 9.09
C TYR A 13 6.21 10.04 9.09
N LEU A 14 6.03 9.42 10.26
CA LEU A 14 6.14 7.98 10.37
C LEU A 14 4.87 7.29 9.87
N TYR A 15 3.73 7.86 10.22
CA TYR A 15 2.44 7.30 9.79
C TYR A 15 2.24 7.46 8.29
N VAL A 16 2.72 8.59 7.75
CA VAL A 16 2.59 8.87 6.33
C VAL A 16 3.55 8.02 5.51
N LEU A 17 4.71 7.73 6.09
CA LEU A 17 5.73 6.91 5.42
C LEU A 17 5.32 5.44 5.42
N SER A 18 4.70 5.00 6.50
CA SER A 18 4.26 3.62 6.63
C SER A 18 3.06 3.33 5.73
N GLY A 19 2.25 4.37 5.50
CA GLY A 19 1.08 4.22 4.66
C GLY A 19 1.42 4.15 3.19
N ILE A 20 2.38 4.96 2.77
CA ILE A 20 2.81 4.98 1.37
C ILE A 20 3.62 3.74 1.02
N GLY A 21 4.34 3.21 2.00
CA GLY A 21 5.14 2.02 1.78
C GLY A 21 4.31 0.76 1.68
N GLY A 22 3.22 0.72 2.44
CA GLY A 22 2.35 -0.44 2.42
C GLY A 22 1.51 -0.52 1.16
N LEU A 23 1.13 0.63 0.63
CA LEU A 23 0.32 0.69 -0.58
C LEU A 23 1.15 0.31 -1.80
N LEU A 24 2.39 0.76 -1.83
CA LEU A 24 3.29 0.46 -2.95
C LEU A 24 3.64 -1.02 -2.98
N LEU A 25 3.83 -1.60 -1.80
CA LEU A 25 4.16 -3.02 -1.69
C LEU A 25 2.96 -3.90 -2.01
N LEU A 26 1.77 -3.36 -1.78
CA LEU A 26 0.53 -4.09 -2.06
C LEU A 26 0.26 -4.18 -3.56
N LEU A 27 0.56 -3.09 -4.27
CA LEU A 27 0.35 -3.03 -5.71
C LEU A 27 1.40 -3.88 -6.44
N LEU A 28 2.62 -3.85 -5.93
CA LEU A 28 3.71 -4.62 -6.54
C LEU A 28 3.59 -6.11 -6.20
N ILE A 29 3.09 -6.40 -5.01
CA ILE A 29 2.91 -7.78 -4.57
C ILE A 29 1.81 -8.47 -5.38
N PHE A 30 0.77 -7.72 -5.71
CA PHE A 30 -0.35 -8.27 -6.47
C PHE A 30 0.04 -8.50 -7.92
N ILE A 31 0.86 -7.59 -8.46
CA ILE A 31 1.30 -7.70 -9.85
C ILE A 31 2.35 -8.80 -10.00
N VAL A 32 3.19 -8.95 -8.99
CA VAL A 32 4.24 -9.97 -9.01
C VAL A 32 3.64 -11.37 -8.83
N LEU A 33 2.51 -11.43 -8.12
CA LEU A 33 1.84 -12.70 -7.88
C LEU A 33 0.97 -13.10 -9.07
N TYR A 34 0.49 -12.11 -9.80
CA TYR A 34 -0.36 -12.35 -10.96
C TYR A 34 0.49 -12.57 -12.21
N LYS A 35 1.74 -12.13 -12.16
CA LYS A 35 2.66 -12.29 -13.29
C LYS A 35 3.40 -13.62 -13.21
N VAL A 36 3.65 -14.08 -11.98
CA VAL A 36 4.36 -15.33 -11.76
C VAL A 36 3.44 -16.52 -12.03
N GLY A 37 2.17 -16.36 -11.72
CA GLY A 37 1.21 -17.42 -11.93
C GLY A 37 0.36 -17.68 -10.70
N PHE A 38 0.67 -17.01 -9.60
CA PHE A 38 -0.06 -17.18 -8.36
C PHE A 38 -1.53 -16.81 -8.54
N PHE A 39 -1.79 -15.53 -8.83
CA PHE A 39 -3.14 -15.04 -9.03
C PHE A 39 -3.57 -15.19 -10.49
N LYS A 40 -2.58 -15.38 -11.36
CA LYS A 40 -2.85 -15.54 -12.78
C LYS A 40 -3.91 -16.61 -13.03
N ARG A 41 -5.10 -16.17 -13.44
CA ARG A 41 -6.20 -17.09 -13.70
C ARG A 41 -7.38 -16.36 -14.33
N ASN A 42 -7.76 -16.79 -15.53
CA ASN A 42 -8.87 -16.17 -16.24
C ASN A 42 -10.21 -16.67 -15.71
N LEU A 43 -10.60 -16.16 -14.53
CA LEU A 43 -11.85 -16.55 -13.90
C LEU A 43 -12.95 -15.53 -14.20
N LYS A 44 -14.20 -15.95 -14.02
CA LYS A 44 -15.33 -15.08 -14.26
C LYS A 44 -15.21 -13.79 -13.46
N GLU A 45 -14.83 -13.91 -12.19
CA GLU A 45 -14.67 -12.75 -11.32
C GLU A 45 -15.97 -11.96 -11.23
N LYS A 46 -17.10 -12.67 -11.29
CA LYS A 46 -18.40 -12.03 -11.22
C LYS A 46 -18.74 -11.64 -9.78
N MET A 47 -18.13 -10.55 -9.31
CA MET A 47 -18.36 -10.07 -7.96
C MET A 47 -17.82 -8.64 -7.79
N GLU A 48 -18.29 -7.96 -6.75
CA GLU A 48 -17.86 -6.59 -6.48
C GLU A 48 -16.44 -6.57 -5.91
N ALA A 49 -16.26 -7.26 -4.79
CA ALA A 49 -14.96 -7.32 -4.14
C ALA A 49 -14.55 -8.76 -3.86
N GLY A 50 -13.88 -9.38 -4.83
CA GLY A 50 -13.45 -10.76 -4.67
C GLY A 50 -14.61 -11.73 -4.61
N SER A 1 2.32 16.07 31.82
CA SER A 1 1.38 15.08 32.31
C SER A 1 0.25 14.86 31.31
N ASN A 2 0.54 15.08 30.03
CA ASN A 2 -0.45 14.91 28.98
C ASN A 2 0.21 14.45 27.68
N ALA A 3 -0.61 13.96 26.75
CA ALA A 3 -0.10 13.50 25.46
C ALA A 3 -0.47 14.46 24.35
N ASP A 4 0.35 15.49 24.15
CA ASP A 4 0.10 16.48 23.12
C ASP A 4 1.27 16.55 22.14
N VAL A 5 1.36 15.55 21.26
CA VAL A 5 2.43 15.49 20.28
C VAL A 5 2.28 16.59 19.24
N VAL A 6 1.07 17.15 19.14
CA VAL A 6 0.79 18.22 18.19
C VAL A 6 1.72 19.41 18.41
N TYR A 7 2.28 19.49 19.62
CA TYR A 7 3.18 20.59 19.96
C TYR A 7 4.63 20.11 20.02
N GLU A 8 4.82 18.81 19.80
CA GLU A 8 6.15 18.22 19.83
C GLU A 8 6.17 16.89 19.09
N LYS A 9 6.98 16.80 18.05
CA LYS A 9 7.10 15.58 17.26
C LYS A 9 5.72 15.01 16.94
N GLN A 10 5.10 15.53 15.88
CA GLN A 10 3.78 15.07 15.47
C GLN A 10 3.81 13.59 15.12
N MET A 11 5.00 13.06 14.86
CA MET A 11 5.17 11.66 14.52
C MET A 11 4.30 11.29 13.32
N LEU A 12 3.96 12.28 12.50
CA LEU A 12 3.13 12.07 11.33
C LEU A 12 3.95 11.50 10.18
N TYR A 13 5.18 12.00 10.03
CA TYR A 13 6.07 11.54 8.98
C TYR A 13 6.18 10.02 8.97
N LEU A 14 5.93 9.41 10.13
CA LEU A 14 6.00 7.96 10.26
C LEU A 14 4.74 7.30 9.71
N TYR A 15 3.60 7.91 9.98
CA TYR A 15 2.32 7.38 9.51
C TYR A 15 2.19 7.55 7.99
N VAL A 16 2.72 8.66 7.48
CA VAL A 16 2.66 8.93 6.05
C VAL A 16 3.64 8.05 5.28
N LEU A 17 4.77 7.74 5.91
CA LEU A 17 5.79 6.90 5.29
C LEU A 17 5.36 5.45 5.27
N SER A 18 4.67 5.02 6.32
CA SER A 18 4.21 3.64 6.43
C SER A 18 3.03 3.39 5.49
N GLY A 19 2.26 4.44 5.22
CA GLY A 19 1.12 4.32 4.34
C GLY A 19 1.52 4.22 2.88
N ILE A 20 2.53 5.00 2.50
CA ILE A 20 3.00 5.01 1.12
C ILE A 20 3.79 3.74 0.81
N GLY A 21 4.47 3.20 1.82
CA GLY A 21 5.25 2.00 1.64
C GLY A 21 4.39 0.76 1.53
N GLY A 22 3.26 0.75 2.24
CA GLY A 22 2.37 -0.39 2.20
C GLY A 22 1.58 -0.46 0.91
N LEU A 23 1.24 0.70 0.36
CA LEU A 23 0.47 0.76 -0.89
C LEU A 23 1.33 0.34 -2.07
N LEU A 24 2.59 0.76 -2.06
CA LEU A 24 3.52 0.43 -3.14
C LEU A 24 3.84 -1.05 -3.14
N LEU A 25 3.96 -1.63 -1.94
CA LEU A 25 4.27 -3.05 -1.81
C LEU A 25 3.05 -3.90 -2.16
N LEU A 26 1.87 -3.33 -1.99
CA LEU A 26 0.63 -4.04 -2.29
C LEU A 26 0.39 -4.12 -3.80
N LEU A 27 0.75 -3.06 -4.51
CA LEU A 27 0.58 -3.01 -5.95
C LEU A 27 1.63 -3.87 -6.65
N LEU A 28 2.83 -3.90 -6.09
CA LEU A 28 3.92 -4.68 -6.66
C LEU A 28 3.76 -6.16 -6.33
N ILE A 29 3.22 -6.44 -5.15
CA ILE A 29 3.00 -7.81 -4.71
C ILE A 29 1.85 -8.46 -5.48
N PHE A 30 0.88 -7.65 -5.86
CA PHE A 30 -0.28 -8.15 -6.60
C PHE A 30 0.10 -8.42 -8.06
N ILE A 31 0.92 -7.56 -8.63
CA ILE A 31 1.35 -7.72 -10.02
C ILE A 31 2.41 -8.81 -10.14
N VAL A 32 3.26 -8.92 -9.13
CA VAL A 32 4.31 -9.93 -9.12
C VAL A 32 3.73 -11.33 -8.94
N LEU A 33 2.64 -11.41 -8.19
CA LEU A 33 1.98 -12.70 -7.93
C LEU A 33 1.11 -13.11 -9.11
N TYR A 34 0.61 -12.12 -9.84
CA TYR A 34 -0.25 -12.38 -10.99
C TYR A 34 0.59 -12.63 -12.24
N LYS A 35 1.86 -12.24 -12.19
CA LYS A 35 2.77 -12.42 -13.31
C LYS A 35 3.54 -13.74 -13.18
N VAL A 36 3.72 -14.19 -11.94
CA VAL A 36 4.44 -15.43 -11.67
C VAL A 36 3.52 -16.63 -11.81
N GLY A 37 2.24 -16.44 -11.45
CA GLY A 37 1.28 -17.53 -11.54
C GLY A 37 0.69 -17.90 -10.19
N PHE A 38 0.27 -16.88 -9.45
CA PHE A 38 -0.31 -17.11 -8.13
C PHE A 38 -1.75 -16.59 -8.07
N PHE A 39 -1.91 -15.29 -8.29
CA PHE A 39 -3.24 -14.67 -8.26
C PHE A 39 -3.91 -14.75 -9.64
N LYS A 40 -3.24 -15.43 -10.57
CA LYS A 40 -3.77 -15.59 -11.91
C LYS A 40 -4.88 -16.64 -11.95
N ARG A 41 -5.99 -16.33 -11.28
CA ARG A 41 -7.12 -17.25 -11.23
C ARG A 41 -8.33 -16.65 -11.95
N ASN A 42 -8.78 -15.49 -11.48
CA ASN A 42 -9.92 -14.80 -12.07
C ASN A 42 -9.92 -13.32 -11.72
N LEU A 43 -10.04 -12.48 -12.74
CA LEU A 43 -10.05 -11.03 -12.54
C LEU A 43 -11.48 -10.50 -12.48
N LYS A 44 -11.89 -10.05 -11.30
CA LYS A 44 -13.24 -9.52 -11.12
C LYS A 44 -13.18 -8.06 -10.70
N GLU A 45 -12.08 -7.66 -10.05
CA GLU A 45 -11.91 -6.29 -9.61
C GLU A 45 -11.50 -5.39 -10.76
N LYS A 46 -11.42 -5.96 -11.95
CA LYS A 46 -11.03 -5.21 -13.15
C LYS A 46 -11.85 -3.94 -13.28
N MET A 47 -13.09 -3.99 -12.80
CA MET A 47 -13.99 -2.85 -12.87
C MET A 47 -13.35 -1.61 -12.23
N GLU A 48 -12.79 -1.81 -11.04
CA GLU A 48 -12.14 -0.71 -10.33
C GLU A 48 -10.67 -1.02 -10.07
N ALA A 49 -10.00 -1.58 -11.07
CA ALA A 49 -8.60 -1.93 -10.96
C ALA A 49 -7.75 -0.71 -10.61
N GLY A 50 -6.56 -0.95 -10.06
CA GLY A 50 -5.68 0.14 -9.69
C GLY A 50 -4.32 0.05 -10.35
N SER A 1 -2.31 21.25 6.29
CA SER A 1 -1.16 20.43 6.64
C SER A 1 -0.56 20.86 7.98
N ASN A 2 -0.13 19.89 8.78
CA ASN A 2 0.46 20.17 10.08
C ASN A 2 1.96 20.43 9.96
N ALA A 3 2.35 21.68 10.08
CA ALA A 3 3.76 22.06 9.99
C ALA A 3 4.26 22.68 11.29
N ASP A 4 4.21 21.89 12.36
CA ASP A 4 4.65 22.36 13.67
C ASP A 4 5.68 21.42 14.26
N VAL A 5 6.63 20.98 13.44
CA VAL A 5 7.67 20.06 13.89
C VAL A 5 8.96 20.82 14.21
N VAL A 6 8.83 21.92 14.95
CA VAL A 6 9.98 22.73 15.33
C VAL A 6 10.62 22.20 16.61
N TYR A 7 9.84 22.14 17.68
CA TYR A 7 10.32 21.67 18.96
C TYR A 7 9.90 20.22 19.21
N GLU A 8 8.59 19.98 19.15
CA GLU A 8 8.05 18.64 19.36
C GLU A 8 8.19 17.79 18.10
N LYS A 9 7.46 16.69 18.06
CA LYS A 9 7.49 15.79 16.91
C LYS A 9 6.13 15.15 16.67
N GLN A 10 5.35 15.74 15.78
CA GLN A 10 4.03 15.24 15.46
C GLN A 10 4.08 13.74 15.14
N MET A 11 5.26 13.28 14.72
CA MET A 11 5.44 11.87 14.38
C MET A 11 4.51 11.46 13.24
N LEU A 12 4.07 12.45 12.46
CA LEU A 12 3.18 12.19 11.34
C LEU A 12 3.96 11.65 10.14
N TYR A 13 5.18 12.17 9.96
CA TYR A 13 6.02 11.73 8.85
C TYR A 13 6.16 10.22 8.83
N LEU A 14 6.01 9.59 9.99
CA LEU A 14 6.12 8.14 10.10
C LEU A 14 4.85 7.47 9.59
N TYR A 15 3.70 8.04 9.90
CA TYR A 15 2.42 7.49 9.47
C TYR A 15 2.25 7.64 7.97
N VAL A 16 2.71 8.76 7.42
CA VAL A 16 2.60 9.02 5.99
C VAL A 16 3.58 8.16 5.20
N LEU A 17 4.73 7.88 5.81
CA LEU A 17 5.75 7.06 5.16
C LEU A 17 5.35 5.58 5.17
N SER A 18 4.71 5.16 6.25
CA SER A 18 4.28 3.77 6.38
C SER A 18 3.08 3.49 5.49
N GLY A 19 2.28 4.52 5.22
CA GLY A 19 1.12 4.36 4.37
C GLY A 19 1.48 4.27 2.90
N ILE A 20 2.46 5.07 2.49
CA ILE A 20 2.89 5.08 1.09
C ILE A 20 3.70 3.82 0.77
N GLY A 21 4.42 3.30 1.76
CA GLY A 21 5.22 2.11 1.56
C GLY A 21 4.38 0.85 1.48
N GLY A 22 3.29 0.81 2.24
CA GLY A 22 2.41 -0.34 2.24
C GLY A 22 1.56 -0.42 1.00
N LEU A 23 1.21 0.74 0.44
CA LEU A 23 0.38 0.81 -0.75
C LEU A 23 1.17 0.38 -1.98
N LEU A 24 2.42 0.82 -2.05
CA LEU A 24 3.29 0.48 -3.17
C LEU A 24 3.65 -1.01 -3.16
N LEU A 25 3.80 -1.56 -1.97
CA LEU A 25 4.15 -2.97 -1.81
C LEU A 25 2.95 -3.85 -2.10
N LEU A 26 1.75 -3.32 -1.88
CA LEU A 26 0.53 -4.07 -2.12
C LEU A 26 0.24 -4.19 -3.62
N LEU A 27 0.52 -3.12 -4.35
CA LEU A 27 0.30 -3.10 -5.79
C LEU A 27 1.35 -3.95 -6.51
N LEU A 28 2.58 -3.90 -6.01
CA LEU A 28 3.67 -4.68 -6.60
C LEU A 28 3.56 -6.15 -6.23
N ILE A 29 3.07 -6.41 -5.02
CA ILE A 29 2.90 -7.79 -4.55
C ILE A 29 1.82 -8.52 -5.33
N PHE A 30 0.76 -7.80 -5.69
CA PHE A 30 -0.34 -8.39 -6.43
C PHE A 30 0.06 -8.64 -7.88
N ILE A 31 0.85 -7.73 -8.43
CA ILE A 31 1.31 -7.84 -9.82
C ILE A 31 2.37 -8.93 -9.95
N VAL A 32 3.24 -9.03 -8.94
CA VAL A 32 4.30 -10.02 -8.94
C VAL A 32 3.75 -11.42 -8.73
N LEU A 33 2.62 -11.51 -8.03
CA LEU A 33 1.98 -12.79 -7.75
C LEU A 33 1.12 -13.24 -8.93
N TYR A 34 0.63 -12.26 -9.69
CA TYR A 34 -0.22 -12.55 -10.85
C TYR A 34 0.63 -12.82 -12.08
N LYS A 35 1.89 -12.39 -12.05
CA LYS A 35 2.80 -12.58 -13.16
C LYS A 35 3.55 -13.90 -13.02
N VAL A 36 3.82 -14.30 -11.78
CA VAL A 36 4.53 -15.55 -11.51
C VAL A 36 3.63 -16.75 -11.74
N GLY A 37 2.33 -16.56 -11.52
CA GLY A 37 1.38 -17.64 -11.71
C GLY A 37 0.66 -18.02 -10.43
N PHE A 38 0.33 -17.02 -9.63
CA PHE A 38 -0.36 -17.25 -8.37
C PHE A 38 -1.81 -16.77 -8.44
N PHE A 39 -1.98 -15.47 -8.67
CA PHE A 39 -3.32 -14.89 -8.78
C PHE A 39 -3.80 -14.86 -10.22
N LYS A 40 -2.91 -15.22 -11.13
CA LYS A 40 -3.24 -15.24 -12.56
C LYS A 40 -4.52 -16.03 -12.81
N ARG A 41 -5.57 -15.33 -13.24
CA ARG A 41 -6.85 -15.96 -13.51
C ARG A 41 -7.78 -15.00 -14.25
N ASN A 42 -8.28 -15.43 -15.39
CA ASN A 42 -9.18 -14.61 -16.20
C ASN A 42 -10.49 -15.34 -16.47
N LEU A 43 -11.36 -15.39 -15.45
CA LEU A 43 -12.64 -16.06 -15.58
C LEU A 43 -13.72 -15.08 -15.99
N LYS A 44 -13.78 -13.95 -15.30
CA LYS A 44 -14.78 -12.92 -15.60
C LYS A 44 -14.59 -12.38 -17.01
N GLU A 45 -15.67 -11.87 -17.59
CA GLU A 45 -15.63 -11.32 -18.95
C GLU A 45 -15.78 -9.80 -18.92
N LYS A 46 -16.52 -9.30 -17.95
CA LYS A 46 -16.74 -7.87 -17.80
C LYS A 46 -15.60 -7.21 -17.04
N MET A 47 -14.50 -6.93 -17.74
CA MET A 47 -13.34 -6.31 -17.13
C MET A 47 -13.65 -4.87 -16.72
N GLU A 48 -14.37 -4.16 -17.58
CA GLU A 48 -14.74 -2.78 -17.31
C GLU A 48 -13.49 -1.89 -17.20
N ALA A 49 -12.55 -2.11 -18.11
CA ALA A 49 -11.31 -1.34 -18.11
C ALA A 49 -11.40 -0.15 -19.06
N GLY A 50 -10.75 0.95 -18.69
CA GLY A 50 -10.77 2.14 -19.53
C GLY A 50 -11.52 3.28 -18.90
N SER A 1 -5.64 16.95 10.84
CA SER A 1 -5.48 18.09 9.96
C SER A 1 -4.71 19.22 10.65
N ASN A 2 -4.97 19.39 11.94
CA ASN A 2 -4.30 20.43 12.72
C ASN A 2 -2.86 20.05 13.02
N ALA A 3 -1.97 21.03 13.00
CA ALA A 3 -0.56 20.79 13.27
C ALA A 3 -0.18 21.28 14.67
N ASP A 4 -1.17 21.35 15.55
CA ASP A 4 -0.94 21.80 16.92
C ASP A 4 -1.70 20.93 17.91
N VAL A 5 -1.23 19.69 18.09
CA VAL A 5 -1.86 18.76 19.00
C VAL A 5 -0.89 18.30 20.08
N VAL A 6 0.39 18.23 19.72
CA VAL A 6 1.43 17.81 20.66
C VAL A 6 2.47 18.90 20.85
N TYR A 7 2.60 19.77 19.85
CA TYR A 7 3.57 20.86 19.92
C TYR A 7 5.00 20.33 19.98
N GLU A 8 5.16 19.06 19.63
CA GLU A 8 6.48 18.43 19.65
C GLU A 8 6.43 17.07 18.97
N LYS A 9 7.26 16.88 17.96
CA LYS A 9 7.31 15.62 17.22
C LYS A 9 5.91 15.15 16.85
N GLN A 10 5.37 15.72 15.79
CA GLN A 10 4.03 15.36 15.33
C GLN A 10 3.94 13.86 15.03
N MET A 11 5.10 13.23 14.82
CA MET A 11 5.16 11.81 14.53
C MET A 11 4.27 11.46 13.34
N LEU A 12 4.04 12.43 12.47
CA LEU A 12 3.20 12.23 11.29
C LEU A 12 4.02 11.66 10.14
N TYR A 13 5.25 12.16 9.99
CA TYR A 13 6.13 11.70 8.92
C TYR A 13 6.27 10.17 8.94
N LEU A 14 6.02 9.58 10.11
CA LEU A 14 6.12 8.13 10.26
C LEU A 14 4.86 7.46 9.73
N TYR A 15 3.70 8.04 10.01
CA TYR A 15 2.43 7.49 9.56
C TYR A 15 2.27 7.64 8.05
N VAL A 16 2.79 8.75 7.52
CA VAL A 16 2.71 9.02 6.09
C VAL A 16 3.68 8.14 5.32
N LEU A 17 4.83 7.85 5.93
CA LEU A 17 5.84 7.02 5.30
C LEU A 17 5.43 5.55 5.30
N SER A 18 4.76 5.13 6.38
CA SER A 18 4.31 3.75 6.51
C SER A 18 3.12 3.48 5.60
N GLY A 19 2.34 4.52 5.32
CA GLY A 19 1.18 4.37 4.46
C GLY A 19 1.56 4.27 3.00
N ILE A 20 2.55 5.05 2.59
CA ILE A 20 2.99 5.05 1.20
C ILE A 20 3.79 3.78 0.88
N GLY A 21 4.49 3.25 1.89
CA GLY A 21 5.27 2.05 1.70
C GLY A 21 4.41 0.81 1.61
N GLY A 22 3.32 0.79 2.36
CA GLY A 22 2.42 -0.35 2.35
C GLY A 22 1.59 -0.43 1.10
N LEU A 23 1.24 0.73 0.54
CA LEU A 23 0.44 0.79 -0.68
C LEU A 23 1.26 0.36 -1.90
N LEU A 24 2.52 0.77 -1.92
CA LEU A 24 3.41 0.43 -3.02
C LEU A 24 3.72 -1.06 -3.03
N LEU A 25 3.90 -1.63 -1.85
CA LEU A 25 4.20 -3.06 -1.71
C LEU A 25 2.97 -3.90 -2.01
N LEU A 26 1.79 -3.32 -1.80
CA LEU A 26 0.54 -4.03 -2.05
C LEU A 26 0.25 -4.12 -3.55
N LEU A 27 0.58 -3.05 -4.28
CA LEU A 27 0.38 -3.02 -5.72
C LEU A 27 1.38 -3.90 -6.44
N LEU A 28 2.62 -3.92 -5.94
CA LEU A 28 3.68 -4.73 -6.53
C LEU A 28 3.50 -6.20 -6.17
N ILE A 29 3.00 -6.46 -4.96
CA ILE A 29 2.78 -7.82 -4.51
C ILE A 29 1.66 -8.50 -5.30
N PHE A 30 0.64 -7.73 -5.63
CA PHE A 30 -0.49 -8.25 -6.39
C PHE A 30 -0.11 -8.50 -7.84
N ILE A 31 0.73 -7.63 -8.39
CA ILE A 31 1.17 -7.76 -9.77
C ILE A 31 2.20 -8.88 -9.92
N VAL A 32 3.05 -9.03 -8.90
CA VAL A 32 4.07 -10.07 -8.92
C VAL A 32 3.47 -11.45 -8.70
N LEU A 33 2.33 -11.48 -8.00
CA LEU A 33 1.65 -12.74 -7.72
C LEU A 33 0.80 -13.18 -8.91
N TYR A 34 0.26 -12.20 -9.62
CA TYR A 34 -0.57 -12.48 -10.80
C TYR A 34 0.28 -12.65 -12.04
N LYS A 35 1.54 -12.24 -11.95
CA LYS A 35 2.46 -12.35 -13.08
C LYS A 35 3.34 -13.59 -12.95
N VAL A 36 3.53 -14.05 -11.70
CA VAL A 36 4.35 -15.22 -11.43
C VAL A 36 3.57 -16.50 -11.72
N GLY A 37 2.26 -16.45 -11.52
CA GLY A 37 1.42 -17.62 -11.77
C GLY A 37 0.49 -17.91 -10.61
N PHE A 38 0.75 -17.27 -9.47
CA PHE A 38 -0.07 -17.48 -8.28
C PHE A 38 -1.52 -17.07 -8.55
N PHE A 39 -1.72 -15.79 -8.83
CA PHE A 39 -3.07 -15.26 -9.10
C PHE A 39 -3.42 -15.41 -10.57
N LYS A 40 -2.53 -16.06 -11.33
CA LYS A 40 -2.75 -16.28 -12.76
C LYS A 40 -3.65 -17.48 -12.99
N ARG A 41 -4.10 -18.11 -11.91
CA ARG A 41 -4.96 -19.27 -12.01
C ARG A 41 -6.37 -18.89 -12.45
N ASN A 42 -6.74 -17.64 -12.16
CA ASN A 42 -8.06 -17.14 -12.52
C ASN A 42 -9.16 -17.91 -11.81
N LEU A 43 -8.84 -18.42 -10.63
CA LEU A 43 -9.80 -19.20 -9.84
C LEU A 43 -10.55 -18.29 -8.87
N LYS A 44 -11.86 -18.53 -8.74
CA LYS A 44 -12.70 -17.74 -7.86
C LYS A 44 -13.72 -18.62 -7.15
N GLU A 45 -14.09 -18.22 -5.94
CA GLU A 45 -15.06 -18.98 -5.15
C GLU A 45 -16.29 -18.13 -4.82
N LYS A 46 -16.05 -16.98 -4.20
CA LYS A 46 -17.13 -16.07 -3.84
C LYS A 46 -16.73 -14.62 -4.09
N MET A 47 -17.29 -14.04 -5.15
CA MET A 47 -16.99 -12.65 -5.50
C MET A 47 -17.76 -11.69 -4.60
N GLU A 48 -18.89 -12.16 -4.07
CA GLU A 48 -19.72 -11.33 -3.20
C GLU A 48 -19.79 -9.89 -3.72
N ALA A 49 -19.91 -9.74 -5.03
CA ALA A 49 -19.99 -8.42 -5.64
C ALA A 49 -21.40 -7.83 -5.51
N GLY A 50 -21.58 -6.96 -4.53
CA GLY A 50 -22.87 -6.34 -4.31
C GLY A 50 -22.87 -5.38 -3.14
N SER A 1 1.97 24.54 23.20
CA SER A 1 1.20 25.77 23.14
C SER A 1 1.84 26.77 22.18
N ASN A 2 1.04 27.27 21.24
CA ASN A 2 1.52 28.23 20.26
C ASN A 2 2.69 27.66 19.46
N ALA A 3 2.58 26.38 19.12
CA ALA A 3 3.62 25.71 18.35
C ALA A 3 3.03 24.69 17.37
N ASP A 4 3.85 24.22 16.45
CA ASP A 4 3.41 23.24 15.47
C ASP A 4 3.80 21.83 15.87
N VAL A 5 4.20 21.67 17.13
CA VAL A 5 4.60 20.37 17.66
C VAL A 5 4.34 20.27 19.15
N VAL A 6 3.13 19.84 19.51
CA VAL A 6 2.75 19.70 20.91
C VAL A 6 3.71 18.77 21.64
N TYR A 7 4.35 17.89 20.89
CA TYR A 7 5.29 16.93 21.47
C TYR A 7 6.64 16.99 20.75
N GLU A 8 7.08 18.20 20.42
CA GLU A 8 8.35 18.38 19.73
C GLU A 8 8.52 17.36 18.62
N LYS A 9 7.41 16.96 18.01
CA LYS A 9 7.43 15.98 16.93
C LYS A 9 6.02 15.53 16.56
N GLN A 10 5.50 16.06 15.45
CA GLN A 10 4.16 15.71 15.01
C GLN A 10 4.01 14.19 14.86
N MET A 11 5.14 13.50 14.72
CA MET A 11 5.12 12.05 14.57
C MET A 11 4.17 11.62 13.47
N LEU A 12 3.91 12.52 12.52
CA LEU A 12 3.02 12.23 11.41
C LEU A 12 3.80 11.75 10.20
N TYR A 13 4.98 12.31 9.99
CA TYR A 13 5.82 11.94 8.86
C TYR A 13 6.02 10.42 8.82
N LEU A 14 5.95 9.78 9.99
CA LEU A 14 6.12 8.34 10.07
C LEU A 14 4.88 7.61 9.57
N TYR A 15 3.71 8.14 9.91
CA TYR A 15 2.44 7.53 9.49
C TYR A 15 2.26 7.65 7.98
N VAL A 16 2.63 8.80 7.43
CA VAL A 16 2.51 9.04 5.99
C VAL A 16 3.52 8.20 5.22
N LEU A 17 4.69 7.98 5.81
CA LEU A 17 5.73 7.18 5.16
C LEU A 17 5.38 5.70 5.19
N SER A 18 4.77 5.26 6.28
CA SER A 18 4.38 3.86 6.44
C SER A 18 3.19 3.53 5.56
N GLY A 19 2.36 4.54 5.29
CA GLY A 19 1.20 4.33 4.45
C GLY A 19 1.54 4.23 2.98
N ILE A 20 2.49 5.04 2.54
CA ILE A 20 2.91 5.05 1.15
C ILE A 20 3.76 3.81 0.82
N GLY A 21 4.49 3.32 1.82
CA GLY A 21 5.32 2.16 1.63
C GLY A 21 4.51 0.88 1.57
N GLY A 22 3.44 0.81 2.35
CA GLY A 22 2.60 -0.38 2.37
C GLY A 22 1.74 -0.49 1.13
N LEU A 23 1.33 0.65 0.58
CA LEU A 23 0.49 0.67 -0.62
C LEU A 23 1.29 0.27 -1.85
N LEU A 24 2.54 0.73 -1.92
CA LEU A 24 3.42 0.41 -3.03
C LEU A 24 3.78 -1.07 -3.04
N LEU A 25 4.00 -1.63 -1.86
CA LEU A 25 4.36 -3.03 -1.74
C LEU A 25 3.15 -3.93 -2.01
N LEU A 26 1.96 -3.39 -1.77
CA LEU A 26 0.73 -4.14 -2.00
C LEU A 26 0.41 -4.24 -3.48
N LEU A 27 0.67 -3.16 -4.22
CA LEU A 27 0.42 -3.13 -5.65
C LEU A 27 1.46 -3.96 -6.40
N LEU A 28 2.69 -3.95 -5.90
CA LEU A 28 3.78 -4.70 -6.53
C LEU A 28 3.68 -6.19 -6.18
N ILE A 29 3.22 -6.48 -4.96
CA ILE A 29 3.07 -7.85 -4.51
C ILE A 29 1.92 -8.55 -5.24
N PHE A 30 0.87 -7.80 -5.53
CA PHE A 30 -0.29 -8.35 -6.22
C PHE A 30 0.02 -8.59 -7.69
N ILE A 31 0.78 -7.69 -8.29
CA ILE A 31 1.16 -7.81 -9.69
C ILE A 31 2.24 -8.87 -9.89
N VAL A 32 3.15 -8.96 -8.92
CA VAL A 32 4.23 -9.94 -8.99
C VAL A 32 3.69 -11.36 -8.87
N LEU A 33 2.63 -11.52 -8.09
CA LEU A 33 2.02 -12.83 -7.89
C LEU A 33 1.10 -13.19 -9.06
N TYR A 34 0.47 -12.18 -9.64
CA TYR A 34 -0.44 -12.39 -10.77
C TYR A 34 0.34 -12.69 -12.04
N LYS A 35 1.62 -12.31 -12.05
CA LYS A 35 2.48 -12.54 -13.20
C LYS A 35 3.27 -13.83 -13.04
N VAL A 36 3.51 -14.23 -11.80
CA VAL A 36 4.26 -15.45 -11.52
C VAL A 36 3.40 -16.69 -11.76
N GLY A 37 2.09 -16.54 -11.59
CA GLY A 37 1.18 -17.65 -11.80
C GLY A 37 0.23 -17.84 -10.63
N PHE A 38 0.40 -17.04 -9.60
CA PHE A 38 -0.45 -17.12 -8.42
C PHE A 38 -1.90 -16.80 -8.76
N PHE A 39 -2.12 -15.56 -9.20
CA PHE A 39 -3.46 -15.12 -9.56
C PHE A 39 -3.72 -15.30 -11.05
N LYS A 40 -2.86 -16.08 -11.70
CA LYS A 40 -2.98 -16.34 -13.13
C LYS A 40 -3.78 -17.62 -13.37
N ARG A 41 -4.10 -17.88 -14.64
CA ARG A 41 -4.85 -19.06 -15.02
C ARG A 41 -4.22 -20.32 -14.43
N ASN A 42 -3.04 -20.66 -14.92
CA ASN A 42 -2.33 -21.84 -14.45
C ASN A 42 -2.07 -21.76 -12.95
N LEU A 43 -2.76 -22.60 -12.18
CA LEU A 43 -2.61 -22.62 -10.74
C LEU A 43 -1.63 -23.71 -10.31
N LYS A 44 -0.63 -23.31 -9.52
CA LYS A 44 0.38 -24.24 -9.04
C LYS A 44 0.41 -24.29 -7.51
N GLU A 45 1.13 -25.25 -6.96
CA GLU A 45 1.23 -25.39 -5.52
C GLU A 45 2.69 -25.47 -5.08
N LYS A 46 3.53 -24.68 -5.74
CA LYS A 46 4.96 -24.65 -5.42
C LYS A 46 5.22 -23.76 -4.21
N MET A 47 4.43 -22.70 -4.08
CA MET A 47 4.58 -21.77 -2.96
C MET A 47 3.38 -21.84 -2.04
N GLU A 48 3.57 -22.44 -0.87
CA GLU A 48 2.49 -22.58 0.10
C GLU A 48 2.93 -22.05 1.47
N ALA A 49 3.42 -20.81 1.49
CA ALA A 49 3.88 -20.19 2.72
C ALA A 49 2.72 -20.02 3.71
N GLY A 50 3.05 -19.92 4.99
CA GLY A 50 2.03 -19.75 6.01
C GLY A 50 2.04 -20.88 7.02
N SER A 1 -8.50 22.33 11.14
CA SER A 1 -8.69 23.68 11.66
C SER A 1 -7.36 24.26 12.16
N ASN A 2 -6.27 23.87 11.53
CA ASN A 2 -4.95 24.34 11.92
C ASN A 2 -3.94 24.10 10.80
N ALA A 3 -2.96 24.99 10.70
CA ALA A 3 -1.93 24.88 9.67
C ALA A 3 -0.55 24.65 10.31
N ASP A 4 -0.46 23.63 11.16
CA ASP A 4 0.80 23.30 11.82
C ASP A 4 1.18 21.84 11.58
N VAL A 5 1.07 21.40 10.33
CA VAL A 5 1.40 20.03 9.98
C VAL A 5 2.81 19.93 9.43
N VAL A 6 3.30 21.02 8.85
CA VAL A 6 4.65 21.05 8.29
C VAL A 6 5.69 20.63 9.32
N TYR A 7 5.37 20.85 10.60
CA TYR A 7 6.27 20.48 11.69
C TYR A 7 6.58 18.98 11.66
N GLU A 8 7.85 18.65 11.91
CA GLU A 8 8.27 17.25 11.92
C GLU A 8 7.97 16.60 13.27
N LYS A 9 7.72 17.43 14.28
CA LYS A 9 7.42 16.93 15.61
C LYS A 9 5.99 16.42 15.69
N GLN A 10 5.26 16.53 14.59
CA GLN A 10 3.87 16.08 14.53
C GLN A 10 3.78 14.57 14.71
N MET A 11 4.93 13.90 14.62
CA MET A 11 4.98 12.45 14.78
C MET A 11 4.10 11.76 13.74
N LEU A 12 3.85 12.45 12.63
CA LEU A 12 3.03 11.90 11.56
C LEU A 12 3.89 11.27 10.47
N TYR A 13 5.14 11.70 10.39
CA TYR A 13 6.07 11.18 9.39
C TYR A 13 6.11 9.66 9.44
N LEU A 14 5.84 9.09 10.61
CA LEU A 14 5.85 7.64 10.79
C LEU A 14 4.63 7.02 10.12
N TYR A 15 3.45 7.55 10.43
CA TYR A 15 2.21 7.03 9.85
C TYR A 15 2.17 7.26 8.34
N VAL A 16 2.75 8.37 7.91
CA VAL A 16 2.79 8.70 6.48
C VAL A 16 3.77 7.81 5.74
N LEU A 17 4.87 7.47 6.39
CA LEU A 17 5.89 6.63 5.78
C LEU A 17 5.44 5.18 5.73
N SER A 18 4.69 4.75 6.74
CA SER A 18 4.19 3.38 6.82
C SER A 18 3.04 3.17 5.82
N GLY A 19 2.32 4.25 5.53
CA GLY A 19 1.22 4.17 4.60
C GLY A 19 1.67 4.09 3.16
N ILE A 20 2.71 4.85 2.82
CA ILE A 20 3.24 4.87 1.47
C ILE A 20 4.00 3.58 1.16
N GLY A 21 4.63 3.01 2.19
CA GLY A 21 5.38 1.78 2.02
C GLY A 21 4.49 0.57 1.85
N GLY A 22 3.35 0.58 2.54
CA GLY A 22 2.42 -0.53 2.46
C GLY A 22 1.66 -0.56 1.14
N LEU A 23 1.38 0.62 0.60
CA LEU A 23 0.66 0.74 -0.65
C LEU A 23 1.52 0.31 -1.83
N LEU A 24 2.80 0.68 -1.79
CA LEU A 24 3.74 0.32 -2.85
C LEU A 24 3.98 -1.17 -2.87
N LEU A 25 4.07 -1.77 -1.69
CA LEU A 25 4.32 -3.21 -1.57
C LEU A 25 3.07 -4.00 -1.96
N LEU A 26 1.91 -3.38 -1.80
CA LEU A 26 0.63 -4.02 -2.13
C LEU A 26 0.42 -4.05 -3.64
N LEU A 27 0.85 -2.99 -4.31
CA LEU A 27 0.70 -2.91 -5.76
C LEU A 27 1.71 -3.79 -6.48
N LEU A 28 2.91 -3.88 -5.90
CA LEU A 28 3.97 -4.71 -6.47
C LEU A 28 3.73 -6.18 -6.19
N ILE A 29 3.17 -6.48 -5.02
CA ILE A 29 2.88 -7.85 -4.63
C ILE A 29 1.72 -8.42 -5.43
N PHE A 30 0.77 -7.56 -5.78
CA PHE A 30 -0.39 -7.97 -6.54
C PHE A 30 -0.03 -8.23 -8.00
N ILE A 31 0.85 -7.38 -8.54
CA ILE A 31 1.30 -7.53 -9.92
C ILE A 31 2.31 -8.66 -10.07
N VAL A 32 3.14 -8.85 -9.05
CA VAL A 32 4.15 -9.90 -9.06
C VAL A 32 3.51 -11.27 -8.96
N LEU A 33 2.36 -11.34 -8.29
CA LEU A 33 1.63 -12.60 -8.12
C LEU A 33 0.75 -12.88 -9.32
N TYR A 34 0.26 -11.83 -9.96
CA TYR A 34 -0.60 -11.96 -11.13
C TYR A 34 0.23 -12.25 -12.38
N LYS A 35 1.52 -11.97 -12.31
CA LYS A 35 2.43 -12.19 -13.43
C LYS A 35 3.24 -13.46 -13.23
N VAL A 36 3.40 -13.87 -11.97
CA VAL A 36 4.15 -15.07 -11.65
C VAL A 36 3.34 -16.33 -11.94
N GLY A 37 2.03 -16.22 -11.77
CA GLY A 37 1.15 -17.35 -12.02
C GLY A 37 0.25 -17.65 -10.84
N PHE A 38 0.59 -17.11 -9.67
CA PHE A 38 -0.20 -17.32 -8.47
C PHE A 38 -1.67 -17.02 -8.72
N PHE A 39 -1.96 -15.77 -9.09
CA PHE A 39 -3.32 -15.34 -9.36
C PHE A 39 -3.73 -15.69 -10.79
N LYS A 40 -2.81 -16.32 -11.52
CA LYS A 40 -3.08 -16.70 -12.90
C LYS A 40 -3.55 -18.15 -12.98
N ARG A 41 -3.93 -18.58 -14.18
CA ARG A 41 -4.40 -19.94 -14.39
C ARG A 41 -3.26 -20.94 -14.23
N ASN A 42 -3.19 -21.58 -13.07
CA ASN A 42 -2.14 -22.56 -12.78
C ASN A 42 -2.52 -23.44 -11.60
N LEU A 43 -1.93 -24.62 -11.54
CA LEU A 43 -2.21 -25.56 -10.45
C LEU A 43 -1.42 -25.18 -9.20
N LYS A 44 -2.12 -25.12 -8.07
CA LYS A 44 -1.51 -24.77 -6.80
C LYS A 44 -2.26 -25.39 -5.63
N GLU A 45 -1.56 -25.64 -4.53
CA GLU A 45 -2.17 -26.23 -3.35
C GLU A 45 -1.97 -25.33 -2.13
N LYS A 46 -1.35 -24.19 -2.34
CA LYS A 46 -1.09 -23.23 -1.27
C LYS A 46 -1.91 -21.96 -1.47
N MET A 47 -3.01 -21.85 -0.72
CA MET A 47 -3.88 -20.68 -0.82
C MET A 47 -3.42 -19.58 0.14
N GLU A 48 -2.93 -19.98 1.31
CA GLU A 48 -2.45 -19.03 2.31
C GLU A 48 -3.36 -17.82 2.37
N ALA A 49 -4.67 -18.05 2.32
CA ALA A 49 -5.64 -16.98 2.36
C ALA A 49 -5.61 -16.26 3.71
N GLY A 50 -5.17 -15.02 3.71
CA GLY A 50 -5.09 -14.25 4.94
C GLY A 50 -3.73 -14.33 5.59
N SER A 1 2.33 18.00 29.51
CA SER A 1 0.95 18.20 29.93
C SER A 1 0.33 19.39 29.19
N ASN A 2 1.09 20.46 29.07
CA ASN A 2 0.62 21.67 28.39
C ASN A 2 0.42 21.40 26.90
N ALA A 3 1.26 20.54 26.34
CA ALA A 3 1.18 20.20 24.93
C ALA A 3 1.48 18.72 24.70
N ASP A 4 0.48 17.98 24.24
CA ASP A 4 0.63 16.56 23.98
C ASP A 4 0.86 16.29 22.50
N VAL A 5 2.08 16.56 22.03
CA VAL A 5 2.43 16.36 20.63
C VAL A 5 1.60 17.26 19.73
N VAL A 6 1.81 18.57 19.85
CA VAL A 6 1.08 19.54 19.05
C VAL A 6 2.05 20.45 18.29
N TYR A 7 3.13 20.85 18.95
CA TYR A 7 4.12 21.72 18.34
C TYR A 7 5.52 21.13 18.49
N GLU A 8 5.59 19.81 18.60
CA GLU A 8 6.86 19.13 18.74
C GLU A 8 6.80 17.73 18.13
N LYS A 9 7.58 17.50 17.08
CA LYS A 9 7.61 16.21 16.40
C LYS A 9 6.22 15.57 16.38
N GLN A 10 5.43 15.95 15.38
CA GLN A 10 4.07 15.41 15.24
C GLN A 10 4.10 13.90 15.11
N MET A 11 5.26 13.35 14.78
CA MET A 11 5.42 11.91 14.62
C MET A 11 4.52 11.38 13.52
N LEU A 12 4.10 12.27 12.63
CA LEU A 12 3.23 11.89 11.52
C LEU A 12 4.05 11.36 10.34
N TYR A 13 5.27 11.86 10.20
CA TYR A 13 6.15 11.43 9.12
C TYR A 13 6.27 9.92 9.08
N LEU A 14 6.06 9.28 10.23
CA LEU A 14 6.15 7.83 10.33
C LEU A 14 4.89 7.17 9.77
N TYR A 15 3.74 7.77 10.06
CA TYR A 15 2.46 7.24 9.59
C TYR A 15 2.32 7.42 8.08
N VAL A 16 2.84 8.54 7.57
CA VAL A 16 2.78 8.83 6.14
C VAL A 16 3.76 7.97 5.36
N LEU A 17 4.89 7.66 5.99
CA LEU A 17 5.92 6.85 5.35
C LEU A 17 5.50 5.38 5.33
N SER A 18 4.83 4.94 6.38
CA SER A 18 4.37 3.55 6.47
C SER A 18 3.18 3.30 5.55
N GLY A 19 2.41 4.35 5.29
CA GLY A 19 1.26 4.23 4.42
C GLY A 19 1.63 4.18 2.96
N ILE A 20 2.65 4.95 2.58
CA ILE A 20 3.10 4.98 1.19
C ILE A 20 3.90 3.73 0.84
N GLY A 21 4.59 3.17 1.84
CA GLY A 21 5.38 1.98 1.61
C GLY A 21 4.52 0.72 1.53
N GLY A 22 3.42 0.71 2.28
CA GLY A 22 2.54 -0.44 2.27
C GLY A 22 1.68 -0.50 1.02
N LEU A 23 1.33 0.66 0.49
CA LEU A 23 0.51 0.74 -0.72
C LEU A 23 1.31 0.35 -1.94
N LEU A 24 2.58 0.76 -1.98
CA LEU A 24 3.46 0.46 -3.10
C LEU A 24 3.80 -1.03 -3.14
N LEU A 25 3.96 -1.61 -1.96
CA LEU A 25 4.29 -3.03 -1.84
C LEU A 25 3.08 -3.90 -2.14
N LEU A 26 1.89 -3.35 -1.91
CA LEU A 26 0.65 -4.08 -2.16
C LEU A 26 0.36 -4.17 -3.65
N LEU A 27 0.66 -3.08 -4.37
CA LEU A 27 0.42 -3.04 -5.81
C LEU A 27 1.45 -3.88 -6.55
N LEU A 28 2.68 -3.87 -6.06
CA LEU A 28 3.76 -4.65 -6.67
C LEU A 28 3.63 -6.13 -6.33
N ILE A 29 3.14 -6.41 -5.13
CA ILE A 29 2.97 -7.78 -4.68
C ILE A 29 1.86 -8.48 -5.46
N PHE A 30 0.81 -7.73 -5.78
CA PHE A 30 -0.32 -8.27 -6.53
C PHE A 30 0.06 -8.51 -7.99
N ILE A 31 0.86 -7.62 -8.54
CA ILE A 31 1.30 -7.73 -9.93
C ILE A 31 2.35 -8.83 -10.09
N VAL A 32 3.23 -8.94 -9.10
CA VAL A 32 4.29 -9.96 -9.13
C VAL A 32 3.70 -11.36 -8.95
N LEU A 33 2.60 -11.44 -8.22
CA LEU A 33 1.94 -12.72 -7.97
C LEU A 33 1.11 -13.15 -9.18
N TYR A 34 0.40 -12.20 -9.77
CA TYR A 34 -0.43 -12.48 -10.94
C TYR A 34 0.42 -12.67 -12.19
N LYS A 35 1.69 -12.26 -12.09
CA LYS A 35 2.61 -12.38 -13.22
C LYS A 35 3.51 -13.61 -13.05
N VAL A 36 3.61 -14.10 -11.82
CA VAL A 36 4.43 -15.26 -11.54
C VAL A 36 3.61 -16.54 -11.63
N GLY A 37 2.35 -16.46 -11.24
CA GLY A 37 1.48 -17.63 -11.28
C GLY A 37 0.78 -17.88 -9.97
N PHE A 38 0.14 -16.86 -9.43
CA PHE A 38 -0.58 -16.97 -8.16
C PHE A 38 -2.04 -16.55 -8.32
N PHE A 39 -2.24 -15.27 -8.63
CA PHE A 39 -3.59 -14.74 -8.81
C PHE A 39 -4.05 -14.89 -10.25
N LYS A 40 -3.12 -15.24 -11.13
CA LYS A 40 -3.43 -15.43 -12.55
C LYS A 40 -4.60 -16.39 -12.72
N ARG A 41 -5.77 -15.84 -13.01
CA ARG A 41 -6.97 -16.66 -13.20
C ARG A 41 -7.10 -17.08 -14.67
N ASN A 42 -6.90 -16.13 -15.57
CA ASN A 42 -7.00 -16.40 -17.00
C ASN A 42 -6.09 -17.55 -17.40
N LEU A 43 -6.60 -18.45 -18.22
CA LEU A 43 -5.84 -19.60 -18.69
C LEU A 43 -4.77 -19.18 -19.70
N LYS A 44 -5.13 -18.26 -20.58
CA LYS A 44 -4.21 -17.77 -21.60
C LYS A 44 -3.19 -16.82 -20.98
N GLU A 45 -1.95 -16.89 -21.48
CA GLU A 45 -0.88 -16.04 -20.98
C GLU A 45 -0.95 -14.65 -21.62
N LYS A 46 -0.90 -14.62 -22.94
CA LYS A 46 -0.95 -13.35 -23.67
C LYS A 46 0.11 -12.39 -23.17
N MET A 47 1.32 -12.89 -22.97
CA MET A 47 2.42 -12.07 -22.49
C MET A 47 3.38 -11.72 -23.62
N GLU A 48 3.83 -10.48 -23.65
CA GLU A 48 4.75 -10.02 -24.68
C GLU A 48 6.13 -10.64 -24.49
N ALA A 49 6.79 -10.28 -23.38
CA ALA A 49 8.12 -10.80 -23.08
C ALA A 49 8.19 -11.33 -21.65
N GLY A 50 9.01 -12.35 -21.44
CA GLY A 50 9.14 -12.92 -20.12
C GLY A 50 10.39 -13.79 -20.00
N SER A 1 -8.06 22.86 11.10
CA SER A 1 -7.94 23.19 12.51
C SER A 1 -6.73 22.50 13.13
N ASN A 2 -5.55 22.82 12.63
CA ASN A 2 -4.31 22.23 13.13
C ASN A 2 -3.18 23.24 13.11
N ALA A 3 -2.11 22.94 13.84
CA ALA A 3 -0.94 23.82 13.88
C ALA A 3 -0.32 24.00 12.51
N ASP A 4 0.78 24.73 12.45
CA ASP A 4 1.47 24.98 11.19
C ASP A 4 2.64 24.02 11.01
N VAL A 5 2.63 22.93 11.78
CA VAL A 5 3.69 21.93 11.70
C VAL A 5 5.07 22.57 11.81
N VAL A 6 5.33 23.20 12.96
CA VAL A 6 6.61 23.86 13.19
C VAL A 6 7.73 22.83 13.39
N TYR A 7 7.41 21.77 14.12
CA TYR A 7 8.39 20.71 14.39
C TYR A 7 7.92 19.38 13.84
N GLU A 8 8.83 18.42 13.75
CA GLU A 8 8.50 17.10 13.23
C GLU A 8 8.18 16.13 14.38
N LYS A 9 7.89 16.69 15.55
CA LYS A 9 7.57 15.88 16.72
C LYS A 9 6.12 15.40 16.66
N GLN A 10 5.42 15.79 15.60
CA GLN A 10 4.02 15.39 15.43
C GLN A 10 3.90 13.88 15.21
N MET A 11 5.04 13.24 14.97
CA MET A 11 5.07 11.80 14.74
C MET A 11 4.16 11.42 13.58
N LEU A 12 3.94 12.36 12.67
CA LEU A 12 3.10 12.13 11.51
C LEU A 12 3.91 11.58 10.34
N TYR A 13 5.14 12.06 10.21
CA TYR A 13 6.02 11.63 9.14
C TYR A 13 6.11 10.11 9.09
N LEU A 14 5.92 9.47 10.25
CA LEU A 14 5.98 8.02 10.34
C LEU A 14 4.72 7.39 9.76
N TYR A 15 3.57 8.00 10.03
CA TYR A 15 2.29 7.50 9.54
C TYR A 15 2.20 7.63 8.02
N VAL A 16 2.70 8.75 7.51
CA VAL A 16 2.68 8.99 6.07
C VAL A 16 3.65 8.08 5.34
N LEU A 17 4.77 7.77 5.99
CA LEU A 17 5.79 6.92 5.41
C LEU A 17 5.33 5.46 5.41
N SER A 18 4.63 5.07 6.46
CA SER A 18 4.13 3.70 6.58
C SER A 18 2.97 3.45 5.61
N GLY A 19 2.24 4.51 5.30
CA GLY A 19 1.11 4.38 4.39
C GLY A 19 1.55 4.26 2.94
N ILE A 20 2.57 5.02 2.57
CA ILE A 20 3.09 5.00 1.21
C ILE A 20 3.86 3.71 0.94
N GLY A 21 4.50 3.18 1.98
CA GLY A 21 5.26 1.95 1.83
C GLY A 21 4.38 0.73 1.70
N GLY A 22 3.25 0.74 2.40
CA GLY A 22 2.34 -0.38 2.35
C GLY A 22 1.57 -0.45 1.04
N LEU A 23 1.27 0.71 0.47
CA LEU A 23 0.54 0.78 -0.78
C LEU A 23 1.41 0.33 -1.95
N LEU A 24 2.67 0.72 -1.91
CA LEU A 24 3.62 0.35 -2.97
C LEU A 24 3.89 -1.15 -2.97
N LEU A 25 3.98 -1.72 -1.76
CA LEU A 25 4.23 -3.15 -1.63
C LEU A 25 2.99 -3.96 -2.00
N LEU A 26 1.83 -3.34 -1.86
CA LEU A 26 0.57 -4.01 -2.19
C LEU A 26 0.36 -4.07 -3.69
N LEU A 27 0.77 -3.01 -4.39
CA LEU A 27 0.64 -2.94 -5.84
C LEU A 27 1.67 -3.84 -6.53
N LEU A 28 2.85 -3.92 -5.94
CA LEU A 28 3.93 -4.74 -6.49
C LEU A 28 3.70 -6.21 -6.19
N ILE A 29 3.14 -6.49 -5.02
CA ILE A 29 2.86 -7.86 -4.60
C ILE A 29 1.70 -8.45 -5.40
N PHE A 30 0.75 -7.60 -5.77
CA PHE A 30 -0.41 -8.05 -6.53
C PHE A 30 -0.03 -8.32 -7.98
N ILE A 31 0.85 -7.49 -8.53
CA ILE A 31 1.30 -7.64 -9.91
C ILE A 31 2.32 -8.76 -10.03
N VAL A 32 3.15 -8.92 -9.01
CA VAL A 32 4.17 -9.96 -8.99
C VAL A 32 3.54 -11.34 -8.85
N LEU A 33 2.40 -11.40 -8.18
CA LEU A 33 1.70 -12.67 -7.97
C LEU A 33 0.81 -12.99 -9.17
N TYR A 34 0.34 -11.96 -9.85
CA TYR A 34 -0.52 -12.15 -11.01
C TYR A 34 0.31 -12.44 -12.26
N LYS A 35 1.59 -12.13 -12.19
CA LYS A 35 2.50 -12.36 -13.32
C LYS A 35 3.32 -13.63 -13.10
N VAL A 36 3.51 -14.01 -11.85
CA VAL A 36 4.27 -15.21 -11.51
C VAL A 36 3.45 -16.46 -11.76
N GLY A 37 2.14 -16.35 -11.58
CA GLY A 37 1.26 -17.49 -11.78
C GLY A 37 0.32 -17.73 -10.62
N PHE A 38 0.63 -17.10 -9.48
CA PHE A 38 -0.19 -17.25 -8.28
C PHE A 38 -1.64 -16.92 -8.57
N PHE A 39 -1.89 -15.67 -8.94
CA PHE A 39 -3.25 -15.22 -9.24
C PHE A 39 -3.65 -15.60 -10.67
N LYS A 40 -2.72 -16.26 -11.37
CA LYS A 40 -2.98 -16.69 -12.74
C LYS A 40 -3.58 -18.09 -12.78
N ARG A 41 -4.02 -18.52 -13.95
CA ARG A 41 -4.62 -19.83 -14.12
C ARG A 41 -5.76 -20.05 -13.13
N ASN A 42 -6.65 -19.06 -13.06
CA ASN A 42 -7.79 -19.15 -12.15
C ASN A 42 -8.99 -18.39 -12.72
N LEU A 43 -10.09 -18.40 -11.98
CA LEU A 43 -11.31 -17.72 -12.41
C LEU A 43 -11.49 -16.39 -11.67
N LYS A 44 -10.98 -15.32 -12.28
CA LYS A 44 -11.08 -13.99 -11.69
C LYS A 44 -11.30 -12.93 -12.77
N GLU A 45 -11.37 -11.67 -12.35
CA GLU A 45 -11.57 -10.57 -13.27
C GLU A 45 -10.32 -10.33 -14.12
N LYS A 46 -9.17 -10.41 -13.47
CA LYS A 46 -7.90 -10.20 -14.15
C LYS A 46 -8.00 -9.06 -15.17
N MET A 47 -8.69 -7.99 -14.79
CA MET A 47 -8.86 -6.85 -15.67
C MET A 47 -7.54 -6.12 -15.88
N GLU A 48 -7.06 -5.46 -14.82
CA GLU A 48 -5.80 -4.72 -14.89
C GLU A 48 -5.57 -4.18 -16.30
N ALA A 49 -6.57 -3.48 -16.84
CA ALA A 49 -6.46 -2.91 -18.17
C ALA A 49 -5.47 -1.75 -18.21
N GLY A 50 -4.34 -1.97 -18.89
CA GLY A 50 -3.31 -0.95 -18.98
C GLY A 50 -3.56 0.01 -20.13
N SER A 1 -4.57 10.76 23.21
CA SER A 1 -4.73 11.46 24.49
C SER A 1 -3.70 12.56 24.64
N ASN A 2 -2.43 12.17 24.75
CA ASN A 2 -1.34 13.13 24.90
C ASN A 2 -1.12 13.91 23.60
N ALA A 3 -0.66 15.15 23.74
CA ALA A 3 -0.41 16.00 22.59
C ALA A 3 0.98 16.61 22.64
N ASP A 4 1.54 16.93 21.48
CA ASP A 4 2.88 17.51 21.40
C ASP A 4 3.25 17.81 19.95
N VAL A 5 3.50 19.07 19.66
CA VAL A 5 3.88 19.49 18.31
C VAL A 5 4.64 20.81 18.33
N VAL A 6 5.96 20.72 18.44
CA VAL A 6 6.80 21.91 18.47
C VAL A 6 7.73 21.96 17.26
N TYR A 7 8.25 20.80 16.87
CA TYR A 7 9.14 20.71 15.72
C TYR A 7 8.69 19.61 14.77
N GLU A 8 8.91 18.36 15.16
CA GLU A 8 8.53 17.21 14.34
C GLU A 8 8.18 16.02 15.21
N LYS A 9 7.75 16.28 16.43
CA LYS A 9 7.38 15.22 17.37
C LYS A 9 5.94 14.78 17.14
N GLN A 10 5.33 15.28 16.08
CA GLN A 10 3.95 14.93 15.75
C GLN A 10 3.84 13.47 15.31
N MET A 11 4.99 12.84 15.09
CA MET A 11 5.03 11.45 14.67
C MET A 11 4.09 11.21 13.48
N LEU A 12 3.95 12.23 12.64
CA LEU A 12 3.09 12.14 11.46
C LEU A 12 3.88 11.63 10.26
N TYR A 13 5.08 12.14 10.09
CA TYR A 13 5.93 11.73 8.96
C TYR A 13 6.10 10.22 8.93
N LEU A 14 5.91 9.58 10.09
CA LEU A 14 6.04 8.13 10.18
C LEU A 14 4.79 7.44 9.65
N TYR A 15 3.62 8.00 9.96
CA TYR A 15 2.36 7.44 9.51
C TYR A 15 2.19 7.60 8.00
N VAL A 16 2.66 8.72 7.48
CA VAL A 16 2.57 8.99 6.04
C VAL A 16 3.56 8.14 5.26
N LEU A 17 4.71 7.87 5.87
CA LEU A 17 5.74 7.07 5.22
C LEU A 17 5.36 5.59 5.22
N SER A 18 4.70 5.15 6.30
CA SER A 18 4.28 3.77 6.42
C SER A 18 3.09 3.47 5.50
N GLY A 19 2.29 4.51 5.23
CA GLY A 19 1.13 4.35 4.38
C GLY A 19 1.50 4.27 2.91
N ILE A 20 2.48 5.06 2.50
CA ILE A 20 2.94 5.07 1.12
C ILE A 20 3.76 3.84 0.79
N GLY A 21 4.47 3.32 1.79
CA GLY A 21 5.29 2.15 1.59
C GLY A 21 4.46 0.87 1.51
N GLY A 22 3.36 0.83 2.26
CA GLY A 22 2.51 -0.33 2.26
C GLY A 22 1.66 -0.43 1.01
N LEU A 23 1.27 0.72 0.47
CA LEU A 23 0.46 0.76 -0.74
C LEU A 23 1.27 0.37 -1.97
N LEU A 24 2.52 0.81 -2.01
CA LEU A 24 3.41 0.51 -3.12
C LEU A 24 3.78 -0.97 -3.13
N LEU A 25 3.98 -1.53 -1.95
CA LEU A 25 4.34 -2.94 -1.82
C LEU A 25 3.13 -3.84 -2.10
N LEU A 26 1.93 -3.30 -1.88
CA LEU A 26 0.71 -4.05 -2.11
C LEU A 26 0.40 -4.15 -3.59
N LEU A 27 0.68 -3.07 -4.32
CA LEU A 27 0.43 -3.04 -5.77
C LEU A 27 1.48 -3.87 -6.51
N LEU A 28 2.70 -3.86 -6.01
CA LEU A 28 3.80 -4.60 -6.63
C LEU A 28 3.70 -6.09 -6.29
N ILE A 29 3.23 -6.38 -5.09
CA ILE A 29 3.08 -7.76 -4.64
C ILE A 29 1.93 -8.46 -5.37
N PHE A 30 0.89 -7.69 -5.67
CA PHE A 30 -0.28 -8.23 -6.36
C PHE A 30 0.04 -8.50 -7.83
N ILE A 31 0.81 -7.60 -8.44
CA ILE A 31 1.18 -7.75 -9.84
C ILE A 31 2.27 -8.81 -10.01
N VAL A 32 3.18 -8.87 -9.04
CA VAL A 32 4.27 -9.84 -9.09
C VAL A 32 3.75 -11.26 -8.92
N LEU A 33 2.67 -11.40 -8.17
CA LEU A 33 2.06 -12.71 -7.92
C LEU A 33 1.16 -13.11 -9.08
N TYR A 34 0.52 -12.13 -9.70
CA TYR A 34 -0.38 -12.38 -10.82
C TYR A 34 0.41 -12.67 -12.10
N LYS A 35 1.69 -12.31 -12.08
CA LYS A 35 2.55 -12.53 -13.23
C LYS A 35 3.50 -13.70 -12.98
N VAL A 36 3.65 -14.08 -11.72
CA VAL A 36 4.52 -15.19 -11.35
C VAL A 36 3.77 -16.52 -11.43
N GLY A 37 2.49 -16.50 -11.06
CA GLY A 37 1.70 -17.72 -11.11
C GLY A 37 0.90 -17.92 -9.84
N PHE A 38 0.21 -16.88 -9.40
CA PHE A 38 -0.60 -16.96 -8.18
C PHE A 38 -2.05 -16.58 -8.47
N PHE A 39 -2.27 -15.33 -8.87
CA PHE A 39 -3.61 -14.86 -9.17
C PHE A 39 -3.92 -15.00 -10.65
N LYS A 40 -3.12 -15.81 -11.34
CA LYS A 40 -3.31 -16.05 -12.77
C LYS A 40 -4.68 -16.64 -13.05
N ARG A 41 -5.61 -15.79 -13.51
CA ARG A 41 -6.96 -16.23 -13.82
C ARG A 41 -7.74 -15.12 -14.52
N ASN A 42 -8.78 -15.52 -15.25
CA ASN A 42 -9.62 -14.56 -15.97
C ASN A 42 -11.04 -14.55 -15.42
N LEU A 43 -11.16 -14.57 -14.09
CA LEU A 43 -12.47 -14.57 -13.44
C LEU A 43 -12.72 -13.24 -12.75
N LYS A 44 -13.98 -12.83 -12.69
CA LYS A 44 -14.36 -11.58 -12.06
C LYS A 44 -14.83 -11.82 -10.62
N GLU A 45 -14.34 -11.00 -9.70
CA GLU A 45 -14.72 -11.13 -8.29
C GLU A 45 -15.49 -9.90 -7.82
N LYS A 46 -14.90 -8.72 -8.00
CA LYS A 46 -15.54 -7.47 -7.61
C LYS A 46 -15.49 -6.45 -8.74
N MET A 47 -16.60 -6.34 -9.47
CA MET A 47 -16.68 -5.40 -10.58
C MET A 47 -16.70 -3.96 -10.07
N GLU A 48 -16.27 -3.03 -10.93
CA GLU A 48 -16.24 -1.61 -10.56
C GLU A 48 -17.18 -0.81 -11.43
N ALA A 49 -18.47 -1.14 -11.38
CA ALA A 49 -19.48 -0.44 -12.16
C ALA A 49 -19.59 1.02 -11.74
N GLY A 50 -19.40 1.93 -12.71
CA GLY A 50 -19.49 3.34 -12.42
C GLY A 50 -19.05 4.21 -13.58
N SER A 1 -5.74 23.16 -0.87
CA SER A 1 -4.36 23.12 -0.40
C SER A 1 -4.31 23.30 1.12
N ASN A 2 -3.88 22.26 1.82
CA ASN A 2 -3.77 22.30 3.27
C ASN A 2 -2.35 22.04 3.73
N ALA A 3 -1.39 22.38 2.88
CA ALA A 3 0.03 22.20 3.19
C ALA A 3 0.45 23.07 4.37
N ASP A 4 0.51 22.46 5.55
CA ASP A 4 0.91 23.18 6.76
C ASP A 4 1.34 22.21 7.85
N VAL A 5 2.63 22.22 8.15
CA VAL A 5 3.18 21.34 9.18
C VAL A 5 4.68 21.54 9.33
N VAL A 6 5.07 22.27 10.37
CA VAL A 6 6.48 22.55 10.63
C VAL A 6 7.06 21.54 11.62
N TYR A 7 6.53 21.54 12.83
CA TYR A 7 7.00 20.64 13.88
C TYR A 7 6.99 19.20 13.38
N GLU A 8 8.11 18.51 13.55
CA GLU A 8 8.23 17.12 13.13
C GLU A 8 7.97 16.16 14.30
N LYS A 9 7.67 16.73 15.46
CA LYS A 9 7.41 15.94 16.65
C LYS A 9 5.99 15.38 16.62
N GLN A 10 5.25 15.72 15.58
CA GLN A 10 3.88 15.25 15.43
C GLN A 10 3.84 13.74 15.21
N MET A 11 5.00 13.15 14.96
CA MET A 11 5.10 11.71 14.73
C MET A 11 4.17 11.28 13.61
N LEU A 12 3.91 12.19 12.67
CA LEU A 12 3.04 11.90 11.54
C LEU A 12 3.85 11.40 10.35
N TYR A 13 5.06 11.93 10.20
CA TYR A 13 5.93 11.53 9.09
C TYR A 13 6.08 10.01 9.03
N LEU A 14 5.91 9.36 10.17
CA LEU A 14 6.02 7.91 10.26
C LEU A 14 4.77 7.23 9.70
N TYR A 15 3.61 7.81 9.99
CA TYR A 15 2.34 7.26 9.53
C TYR A 15 2.20 7.44 8.02
N VAL A 16 2.66 8.57 7.51
CA VAL A 16 2.60 8.86 6.08
C VAL A 16 3.58 8.00 5.30
N LEU A 17 4.72 7.72 5.92
CA LEU A 17 5.76 6.90 5.28
C LEU A 17 5.36 5.43 5.26
N SER A 18 4.70 5.00 6.33
CA SER A 18 4.26 3.61 6.44
C SER A 18 3.08 3.33 5.52
N GLY A 19 2.29 4.37 5.25
CA GLY A 19 1.13 4.24 4.39
C GLY A 19 1.51 4.17 2.92
N ILE A 20 2.51 4.96 2.53
CA ILE A 20 2.96 4.99 1.14
C ILE A 20 3.76 3.74 0.80
N GLY A 21 4.47 3.21 1.80
CA GLY A 21 5.27 2.02 1.58
C GLY A 21 4.44 0.75 1.50
N GLY A 22 3.34 0.73 2.26
CA GLY A 22 2.47 -0.43 2.25
C GLY A 22 1.62 -0.51 0.99
N LEU A 23 1.24 0.65 0.46
CA LEU A 23 0.43 0.70 -0.75
C LEU A 23 1.23 0.32 -1.98
N LEU A 24 2.49 0.76 -2.01
CA LEU A 24 3.37 0.47 -3.13
C LEU A 24 3.74 -1.02 -3.16
N LEU A 25 3.91 -1.59 -1.98
CA LEU A 25 4.26 -3.01 -1.86
C LEU A 25 3.07 -3.90 -2.16
N LEU A 26 1.87 -3.36 -1.93
CA LEU A 26 0.63 -4.10 -2.17
C LEU A 26 0.35 -4.21 -3.67
N LEU A 27 0.63 -3.13 -4.39
CA LEU A 27 0.40 -3.10 -5.83
C LEU A 27 1.44 -3.93 -6.57
N LEU A 28 2.67 -3.90 -6.08
CA LEU A 28 3.76 -4.65 -6.69
C LEU A 28 3.66 -6.13 -6.34
N ILE A 29 3.17 -6.42 -5.13
CA ILE A 29 3.02 -7.79 -4.68
C ILE A 29 1.92 -8.51 -5.46
N PHE A 30 0.85 -7.78 -5.77
CA PHE A 30 -0.26 -8.34 -6.53
C PHE A 30 0.12 -8.59 -7.98
N ILE A 31 0.91 -7.68 -8.53
CA ILE A 31 1.36 -7.80 -9.92
C ILE A 31 2.41 -8.89 -10.07
N VAL A 32 3.30 -8.99 -9.08
CA VAL A 32 4.36 -9.99 -9.10
C VAL A 32 3.79 -11.40 -8.94
N LEU A 33 2.70 -11.50 -8.19
CA LEU A 33 2.05 -12.78 -7.95
C LEU A 33 1.30 -13.25 -9.20
N TYR A 34 0.53 -12.34 -9.80
CA TYR A 34 -0.24 -12.66 -10.99
C TYR A 34 0.67 -12.81 -12.20
N LYS A 35 1.91 -12.34 -12.06
CA LYS A 35 2.88 -12.42 -13.14
C LYS A 35 3.66 -13.73 -13.08
N VAL A 36 3.79 -14.28 -11.87
CA VAL A 36 4.52 -15.52 -11.67
C VAL A 36 3.58 -16.72 -11.76
N GLY A 37 2.34 -16.53 -11.34
CA GLY A 37 1.37 -17.61 -11.38
C GLY A 37 0.71 -17.84 -10.04
N PHE A 38 0.13 -16.78 -9.47
CA PHE A 38 -0.54 -16.87 -8.18
C PHE A 38 -1.96 -16.33 -8.26
N PHE A 39 -2.07 -15.03 -8.52
CA PHE A 39 -3.38 -14.38 -8.62
C PHE A 39 -3.91 -14.45 -10.05
N LYS A 40 -3.11 -15.01 -10.95
CA LYS A 40 -3.49 -15.14 -12.35
C LYS A 40 -4.70 -16.05 -12.50
N ARG A 41 -5.89 -15.45 -12.52
CA ARG A 41 -7.13 -16.21 -12.65
C ARG A 41 -8.33 -15.27 -12.77
N ASN A 42 -9.21 -15.57 -13.72
CA ASN A 42 -10.40 -14.76 -13.95
C ASN A 42 -10.03 -13.30 -14.16
N LEU A 43 -9.13 -13.05 -15.11
CA LEU A 43 -8.70 -11.69 -15.41
C LEU A 43 -9.88 -10.80 -15.76
N LYS A 44 -10.71 -11.27 -16.68
CA LYS A 44 -11.89 -10.52 -17.11
C LYS A 44 -12.82 -10.26 -15.93
N GLU A 45 -13.85 -9.44 -16.16
CA GLU A 45 -14.81 -9.10 -15.12
C GLU A 45 -14.13 -8.40 -13.95
N LYS A 46 -13.05 -7.68 -14.24
CA LYS A 46 -12.30 -6.97 -13.22
C LYS A 46 -12.61 -5.47 -13.27
N MET A 47 -13.84 -5.14 -13.64
CA MET A 47 -14.26 -3.74 -13.72
C MET A 47 -15.02 -3.33 -12.48
N GLU A 48 -15.67 -4.30 -11.83
CA GLU A 48 -16.44 -4.03 -10.62
C GLU A 48 -15.73 -4.59 -9.39
N ALA A 49 -14.41 -4.44 -9.35
CA ALA A 49 -13.62 -4.91 -8.23
C ALA A 49 -13.35 -3.81 -7.23
N GLY A 50 -14.36 -3.45 -6.45
CA GLY A 50 -14.22 -2.41 -5.46
C GLY A 50 -15.52 -1.69 -5.17
N SER A 1 -4.59 25.45 6.70
CA SER A 1 -3.85 25.23 7.95
C SER A 1 -2.58 24.44 7.70
N ASN A 2 -1.55 25.13 7.21
CA ASN A 2 -0.27 24.49 6.92
C ASN A 2 0.56 24.36 8.19
N ALA A 3 0.68 25.44 8.94
CA ALA A 3 1.46 25.44 10.17
C ALA A 3 0.60 24.99 11.35
N ASP A 4 1.17 24.15 12.20
CA ASP A 4 0.46 23.63 13.37
C ASP A 4 1.40 22.83 14.27
N VAL A 5 1.61 23.33 15.49
CA VAL A 5 2.48 22.67 16.44
C VAL A 5 3.72 22.09 15.76
N VAL A 6 4.25 22.85 14.79
CA VAL A 6 5.43 22.42 14.06
C VAL A 6 6.63 22.24 14.99
N TYR A 7 6.58 22.93 16.13
CA TYR A 7 7.67 22.84 17.11
C TYR A 7 7.49 21.62 18.00
N GLU A 8 7.40 20.45 17.38
CA GLU A 8 7.24 19.20 18.13
C GLU A 8 7.30 18.00 17.19
N LYS A 9 7.45 16.81 17.77
CA LYS A 9 7.53 15.58 17.00
C LYS A 9 6.13 15.07 16.66
N GLN A 10 5.48 15.70 15.69
CA GLN A 10 4.14 15.30 15.27
C GLN A 10 4.06 13.79 15.06
N MET A 11 5.20 13.18 14.75
CA MET A 11 5.26 11.74 14.53
C MET A 11 4.35 11.33 13.37
N LEU A 12 4.02 12.29 12.53
CA LEU A 12 3.15 12.04 11.38
C LEU A 12 3.96 11.50 10.20
N TYR A 13 5.18 12.01 10.05
CA TYR A 13 6.05 11.58 8.95
C TYR A 13 6.19 10.07 8.93
N LEU A 14 5.99 9.44 10.09
CA LEU A 14 6.09 7.99 10.20
C LEU A 14 4.84 7.31 9.66
N TYR A 15 3.67 7.90 9.96
CA TYR A 15 2.41 7.35 9.50
C TYR A 15 2.27 7.50 7.99
N VAL A 16 2.74 8.63 7.46
CA VAL A 16 2.67 8.89 6.03
C VAL A 16 3.66 8.03 5.26
N LEU A 17 4.79 7.74 5.88
CA LEU A 17 5.82 6.92 5.25
C LEU A 17 5.42 5.45 5.24
N SER A 18 4.76 5.01 6.31
CA SER A 18 4.31 3.64 6.43
C SER A 18 3.13 3.36 5.51
N GLY A 19 2.34 4.40 5.24
CA GLY A 19 1.20 4.24 4.37
C GLY A 19 1.57 4.16 2.91
N ILE A 20 2.57 4.95 2.51
CA ILE A 20 3.02 4.97 1.13
C ILE A 20 3.83 3.72 0.80
N GLY A 21 4.52 3.19 1.80
CA GLY A 21 5.32 1.99 1.61
C GLY A 21 4.48 0.73 1.52
N GLY A 22 3.38 0.71 2.26
CA GLY A 22 2.50 -0.45 2.25
C GLY A 22 1.66 -0.51 1.00
N LEU A 23 1.29 0.64 0.46
CA LEU A 23 0.48 0.70 -0.75
C LEU A 23 1.29 0.31 -1.98
N LEU A 24 2.56 0.74 -2.00
CA LEU A 24 3.44 0.42 -3.13
C LEU A 24 3.80 -1.06 -3.14
N LEU A 25 3.98 -1.63 -1.95
CA LEU A 25 4.32 -3.04 -1.83
C LEU A 25 3.11 -3.92 -2.11
N LEU A 26 1.92 -3.37 -1.90
CA LEU A 26 0.68 -4.10 -2.12
C LEU A 26 0.37 -4.20 -3.61
N LEU A 27 0.66 -3.12 -4.35
CA LEU A 27 0.42 -3.09 -5.78
C LEU A 27 1.46 -3.92 -6.53
N LEU A 28 2.69 -3.92 -6.03
CA LEU A 28 3.77 -4.68 -6.65
C LEU A 28 3.66 -6.16 -6.32
N ILE A 29 3.19 -6.46 -5.11
CA ILE A 29 3.04 -7.84 -4.67
C ILE A 29 1.87 -8.51 -5.40
N PHE A 30 0.84 -7.74 -5.71
CA PHE A 30 -0.33 -8.27 -6.40
C PHE A 30 -0.01 -8.54 -7.87
N ILE A 31 0.78 -7.64 -8.48
CA ILE A 31 1.15 -7.79 -9.87
C ILE A 31 2.23 -8.86 -10.05
N VAL A 32 3.13 -8.93 -9.09
CA VAL A 32 4.22 -9.91 -9.12
C VAL A 32 3.68 -11.33 -8.99
N LEU A 33 2.61 -11.47 -8.21
CA LEU A 33 2.00 -12.78 -7.99
C LEU A 33 1.11 -13.17 -9.17
N TYR A 34 0.45 -12.18 -9.75
CA TYR A 34 -0.43 -12.42 -10.89
C TYR A 34 0.36 -12.67 -12.16
N LYS A 35 1.64 -12.32 -12.14
CA LYS A 35 2.51 -12.52 -13.28
C LYS A 35 3.46 -13.69 -13.05
N VAL A 36 3.58 -14.10 -11.79
CA VAL A 36 4.45 -15.22 -11.44
C VAL A 36 3.70 -16.54 -11.53
N GLY A 37 2.42 -16.51 -11.18
CA GLY A 37 1.61 -17.72 -11.22
C GLY A 37 0.87 -17.97 -9.92
N PHE A 38 0.19 -16.94 -9.42
CA PHE A 38 -0.56 -17.05 -8.17
C PHE A 38 -2.00 -16.61 -8.36
N PHE A 39 -2.19 -15.32 -8.65
CA PHE A 39 -3.53 -14.77 -8.86
C PHE A 39 -3.93 -14.87 -10.33
N LYS A 40 -2.97 -15.20 -11.18
CA LYS A 40 -3.22 -15.31 -12.61
C LYS A 40 -4.42 -16.21 -12.88
N ARG A 41 -5.55 -15.60 -13.21
CA ARG A 41 -6.78 -16.34 -13.50
C ARG A 41 -7.76 -15.49 -14.30
N ASN A 42 -8.17 -16.00 -15.45
CA ASN A 42 -9.11 -15.29 -16.31
C ASN A 42 -10.54 -15.72 -16.02
N LEU A 43 -10.95 -15.61 -14.77
CA LEU A 43 -12.30 -15.99 -14.37
C LEU A 43 -13.18 -14.75 -14.20
N LYS A 44 -14.13 -14.59 -15.11
CA LYS A 44 -15.05 -13.45 -15.07
C LYS A 44 -16.38 -13.84 -14.42
N GLU A 45 -17.06 -12.86 -13.86
CA GLU A 45 -18.35 -13.11 -13.20
C GLU A 45 -19.48 -12.44 -13.97
N LYS A 46 -19.19 -11.28 -14.56
CA LYS A 46 -20.18 -10.54 -15.32
C LYS A 46 -19.59 -10.03 -16.63
N MET A 47 -20.10 -10.55 -17.75
CA MET A 47 -19.62 -10.14 -19.07
C MET A 47 -20.12 -8.75 -19.42
N GLU A 48 -21.30 -8.40 -18.91
CA GLU A 48 -21.89 -7.09 -19.17
C GLU A 48 -20.90 -5.98 -18.84
N ALA A 49 -20.19 -6.13 -17.73
CA ALA A 49 -19.22 -5.14 -17.29
C ALA A 49 -17.79 -5.57 -17.67
N GLY A 50 -17.05 -4.65 -18.28
CA GLY A 50 -15.69 -4.95 -18.67
C GLY A 50 -14.97 -3.73 -19.23
N SER A 1 -8.25 18.50 27.37
CA SER A 1 -7.99 19.55 26.39
C SER A 1 -6.49 19.71 26.14
N ASN A 2 -5.70 19.45 27.17
CA ASN A 2 -4.25 19.56 27.07
C ASN A 2 -3.68 18.44 26.21
N ALA A 3 -2.67 18.76 25.40
CA ALA A 3 -2.04 17.77 24.54
C ALA A 3 -0.52 17.87 24.62
N ASP A 4 0.16 17.00 23.89
CA ASP A 4 1.63 16.98 23.89
C ASP A 4 2.16 17.06 22.46
N VAL A 5 1.38 17.66 21.57
CA VAL A 5 1.78 17.81 20.18
C VAL A 5 1.18 19.06 19.56
N VAL A 6 1.87 20.18 19.72
CA VAL A 6 1.41 21.45 19.18
C VAL A 6 2.30 21.92 18.04
N TYR A 7 3.60 21.95 18.27
CA TYR A 7 4.56 22.37 17.26
C TYR A 7 5.23 21.17 16.60
N GLU A 8 6.01 20.43 17.39
CA GLU A 8 6.72 19.26 16.90
C GLU A 8 6.22 18.00 17.58
N LYS A 9 6.99 16.92 17.45
CA LYS A 9 6.63 15.65 18.07
C LYS A 9 5.37 15.07 17.42
N GLN A 10 4.98 15.64 16.28
CA GLN A 10 3.79 15.18 15.57
C GLN A 10 3.97 13.74 15.10
N MET A 11 5.21 13.33 14.90
CA MET A 11 5.51 11.97 14.47
C MET A 11 4.63 11.58 13.28
N LEU A 12 4.21 12.57 12.51
CA LEU A 12 3.36 12.34 11.34
C LEU A 12 4.17 11.76 10.19
N TYR A 13 5.41 12.24 10.05
CA TYR A 13 6.28 11.76 8.98
C TYR A 13 6.37 10.24 8.99
N LEU A 14 6.12 9.64 10.14
CA LEU A 14 6.16 8.19 10.27
C LEU A 14 4.90 7.54 9.72
N TYR A 15 3.76 8.17 9.99
CA TYR A 15 2.48 7.66 9.51
C TYR A 15 2.36 7.81 8.00
N VAL A 16 2.90 8.90 7.48
CA VAL A 16 2.87 9.16 6.04
C VAL A 16 3.82 8.26 5.29
N LEU A 17 4.95 7.94 5.93
CA LEU A 17 5.96 7.08 5.31
C LEU A 17 5.50 5.62 5.32
N SER A 18 4.81 5.23 6.39
CA SER A 18 4.33 3.86 6.52
C SER A 18 3.16 3.61 5.57
N GLY A 19 2.41 4.66 5.28
CA GLY A 19 1.27 4.53 4.39
C GLY A 19 1.68 4.41 2.94
N ILE A 20 2.69 5.17 2.54
CA ILE A 20 3.19 5.14 1.17
C ILE A 20 3.96 3.85 0.89
N GLY A 21 4.60 3.33 1.92
CA GLY A 21 5.36 2.10 1.77
C GLY A 21 4.49 0.87 1.65
N GLY A 22 3.36 0.89 2.37
CA GLY A 22 2.45 -0.24 2.33
C GLY A 22 1.67 -0.31 1.04
N LEU A 23 1.36 0.85 0.47
CA LEU A 23 0.60 0.93 -0.78
C LEU A 23 1.46 0.46 -1.95
N LEU A 24 2.73 0.85 -1.95
CA LEU A 24 3.65 0.48 -3.02
C LEU A 24 3.91 -1.02 -3.01
N LEU A 25 4.02 -1.59 -1.81
CA LEU A 25 4.28 -3.02 -1.65
C LEU A 25 3.04 -3.83 -2.00
N LEU A 26 1.86 -3.22 -1.85
CA LEU A 26 0.60 -3.87 -2.15
C LEU A 26 0.38 -3.97 -3.66
N LEU A 27 0.78 -2.91 -4.36
CA LEU A 27 0.63 -2.87 -5.82
C LEU A 27 1.65 -3.77 -6.51
N LEU A 28 2.84 -3.85 -5.93
CA LEU A 28 3.91 -4.67 -6.48
C LEU A 28 3.68 -6.15 -6.14
N ILE A 29 3.13 -6.40 -4.97
CA ILE A 29 2.86 -7.76 -4.53
C ILE A 29 1.70 -8.37 -5.31
N PHE A 30 0.75 -7.54 -5.70
CA PHE A 30 -0.42 -8.00 -6.45
C PHE A 30 -0.04 -8.29 -7.90
N ILE A 31 0.83 -7.44 -8.46
CA ILE A 31 1.27 -7.61 -9.84
C ILE A 31 2.29 -8.73 -9.96
N VAL A 32 3.11 -8.89 -8.92
CA VAL A 32 4.14 -9.93 -8.91
C VAL A 32 3.51 -11.31 -8.75
N LEU A 33 2.38 -11.37 -8.06
CA LEU A 33 1.69 -12.64 -7.83
C LEU A 33 0.81 -12.99 -9.03
N TYR A 34 0.33 -11.97 -9.74
CA TYR A 34 -0.52 -12.17 -10.91
C TYR A 34 0.32 -12.46 -12.14
N LYS A 35 1.59 -12.07 -12.09
CA LYS A 35 2.51 -12.30 -13.20
C LYS A 35 3.18 -13.66 -13.11
N VAL A 36 3.53 -14.06 -11.89
CA VAL A 36 4.18 -15.34 -11.67
C VAL A 36 3.21 -16.50 -11.94
N GLY A 37 1.93 -16.27 -11.67
CA GLY A 37 0.93 -17.29 -11.89
C GLY A 37 0.12 -17.59 -10.64
N PHE A 38 0.52 -17.00 -9.53
CA PHE A 38 -0.17 -17.21 -8.27
C PHE A 38 -1.67 -16.96 -8.41
N PHE A 39 -2.01 -15.77 -8.89
CA PHE A 39 -3.41 -15.40 -9.09
C PHE A 39 -3.93 -15.90 -10.44
N LYS A 40 -3.08 -16.62 -11.16
CA LYS A 40 -3.44 -17.15 -12.46
C LYS A 40 -4.02 -18.56 -12.33
N ARG A 41 -4.25 -18.99 -11.10
CA ARG A 41 -4.80 -20.31 -10.83
C ARG A 41 -6.29 -20.35 -11.16
N ASN A 42 -7.00 -19.30 -10.78
CA ASN A 42 -8.44 -19.21 -11.04
C ASN A 42 -8.79 -17.89 -11.71
N LEU A 43 -9.99 -17.82 -12.27
CA LEU A 43 -10.45 -16.62 -12.96
C LEU A 43 -10.97 -15.59 -11.96
N LYS A 44 -10.43 -14.38 -12.02
CA LYS A 44 -10.83 -13.31 -11.12
C LYS A 44 -12.34 -13.14 -11.13
N GLU A 45 -12.91 -12.75 -9.99
CA GLU A 45 -14.34 -12.54 -9.87
C GLU A 45 -14.69 -11.07 -9.95
N LYS A 46 -13.82 -10.29 -10.59
CA LYS A 46 -14.04 -8.85 -10.74
C LYS A 46 -14.39 -8.49 -12.18
N MET A 47 -15.63 -8.75 -12.56
CA MET A 47 -16.09 -8.45 -13.91
C MET A 47 -17.07 -7.27 -13.91
N GLU A 48 -17.86 -7.17 -12.84
CA GLU A 48 -18.84 -6.10 -12.72
C GLU A 48 -18.42 -5.11 -11.62
N ALA A 49 -17.12 -4.85 -11.52
CA ALA A 49 -16.60 -3.94 -10.52
C ALA A 49 -16.83 -2.48 -10.93
N GLY A 50 -17.93 -1.90 -10.44
CA GLY A 50 -18.24 -0.52 -10.77
C GLY A 50 -17.68 0.46 -9.75
N SER A 1 -3.45 24.07 19.24
CA SER A 1 -4.82 24.51 19.45
C SER A 1 -5.21 25.59 18.45
N ASN A 2 -4.37 26.62 18.34
CA ASN A 2 -4.63 27.73 17.42
C ASN A 2 -3.98 27.46 16.07
N ALA A 3 -2.74 26.98 16.10
CA ALA A 3 -2.01 26.68 14.87
C ALA A 3 -2.33 25.27 14.38
N ASP A 4 -1.75 24.90 13.22
CA ASP A 4 -1.98 23.58 12.65
C ASP A 4 -0.83 22.63 13.03
N VAL A 5 0.06 23.10 13.89
CA VAL A 5 1.19 22.29 14.33
C VAL A 5 2.06 23.07 15.31
N VAL A 6 1.92 22.76 16.59
CA VAL A 6 2.69 23.42 17.64
C VAL A 6 3.65 22.44 18.31
N TYR A 7 3.28 21.16 18.33
CA TYR A 7 4.10 20.13 18.95
C TYR A 7 5.52 20.18 18.41
N GLU A 8 6.44 19.56 19.14
CA GLU A 8 7.84 19.54 18.75
C GLU A 8 8.09 18.47 17.69
N LYS A 9 7.24 17.46 17.66
CA LYS A 9 7.36 16.38 16.70
C LYS A 9 6.04 15.62 16.56
N GLN A 10 5.23 16.03 15.60
CA GLN A 10 3.94 15.38 15.36
C GLN A 10 4.11 13.88 15.16
N MET A 11 5.32 13.47 14.77
CA MET A 11 5.61 12.06 14.54
C MET A 11 4.69 11.48 13.47
N LEU A 12 4.12 12.37 12.65
CA LEU A 12 3.22 11.94 11.59
C LEU A 12 4.00 11.42 10.39
N TYR A 13 5.24 11.91 10.24
CA TYR A 13 6.09 11.49 9.13
C TYR A 13 6.22 9.97 9.08
N LEU A 14 6.03 9.33 10.23
CA LEU A 14 6.13 7.88 10.32
C LEU A 14 4.86 7.22 9.79
N TYR A 15 3.71 7.80 10.12
CA TYR A 15 2.43 7.26 9.67
C TYR A 15 2.26 7.45 8.17
N VAL A 16 2.74 8.58 7.65
CA VAL A 16 2.64 8.88 6.23
C VAL A 16 3.62 8.02 5.42
N LEU A 17 4.77 7.71 6.02
CA LEU A 17 5.78 6.91 5.36
C LEU A 17 5.37 5.44 5.33
N SER A 18 4.72 4.99 6.39
CA SER A 18 4.28 3.61 6.50
C SER A 18 3.08 3.35 5.59
N GLY A 19 2.29 4.39 5.34
CA GLY A 19 1.13 4.26 4.49
C GLY A 19 1.49 4.20 3.01
N ILE A 20 2.47 5.00 2.61
CA ILE A 20 2.92 5.04 1.23
C ILE A 20 3.73 3.80 0.88
N GLY A 21 4.44 3.27 1.87
CA GLY A 21 5.24 2.07 1.64
C GLY A 21 4.40 0.82 1.55
N GLY A 22 3.30 0.79 2.29
CA GLY A 22 2.43 -0.38 2.27
C GLY A 22 1.59 -0.45 1.01
N LEU A 23 1.22 0.70 0.47
CA LEU A 23 0.41 0.76 -0.74
C LEU A 23 1.24 0.37 -1.96
N LEU A 24 2.48 0.83 -2.00
CA LEU A 24 3.38 0.52 -3.11
C LEU A 24 3.75 -0.96 -3.11
N LEU A 25 3.94 -1.52 -1.93
CA LEU A 25 4.30 -2.93 -1.79
C LEU A 25 3.10 -3.83 -2.08
N LEU A 26 1.90 -3.30 -1.88
CA LEU A 26 0.67 -4.05 -2.11
C LEU A 26 0.39 -4.18 -3.61
N LEU A 27 0.67 -3.10 -4.35
CA LEU A 27 0.45 -3.09 -5.79
C LEU A 27 1.49 -3.94 -6.51
N LEU A 28 2.73 -3.90 -6.01
CA LEU A 28 3.81 -4.66 -6.60
C LEU A 28 3.69 -6.14 -6.24
N ILE A 29 3.23 -6.41 -5.03
CA ILE A 29 3.06 -7.78 -4.55
C ILE A 29 1.94 -8.49 -5.31
N PHE A 30 0.88 -7.76 -5.60
CA PHE A 30 -0.25 -8.31 -6.33
C PHE A 30 0.10 -8.61 -7.78
N ILE A 31 0.90 -7.71 -8.37
CA ILE A 31 1.32 -7.87 -9.76
C ILE A 31 2.43 -8.90 -9.88
N VAL A 32 3.22 -9.05 -8.82
CA VAL A 32 4.33 -9.99 -8.81
C VAL A 32 3.81 -11.43 -8.75
N LEU A 33 2.75 -11.64 -7.97
CA LEU A 33 2.16 -12.96 -7.82
C LEU A 33 1.30 -13.32 -9.03
N TYR A 34 0.72 -12.30 -9.64
CA TYR A 34 -0.13 -12.50 -10.82
C TYR A 34 0.71 -12.66 -12.07
N LYS A 35 1.98 -12.26 -11.99
CA LYS A 35 2.89 -12.37 -13.12
C LYS A 35 3.68 -13.68 -13.06
N VAL A 36 3.85 -14.21 -11.85
CA VAL A 36 4.58 -15.45 -11.67
C VAL A 36 3.67 -16.67 -11.86
N GLY A 37 2.37 -16.46 -11.65
CA GLY A 37 1.42 -17.54 -11.81
C GLY A 37 0.71 -17.89 -10.51
N PHE A 38 0.11 -16.88 -9.88
CA PHE A 38 -0.60 -17.08 -8.62
C PHE A 38 -2.06 -16.61 -8.74
N PHE A 39 -2.23 -15.39 -9.23
CA PHE A 39 -3.57 -14.83 -9.39
C PHE A 39 -3.98 -14.81 -10.87
N LYS A 40 -3.82 -15.96 -11.53
CA LYS A 40 -4.18 -16.07 -12.94
C LYS A 40 -5.61 -16.57 -13.10
N ARG A 41 -6.38 -16.49 -12.01
CA ARG A 41 -7.77 -16.92 -12.03
C ARG A 41 -8.71 -15.73 -12.06
N ASN A 42 -8.25 -14.60 -11.51
CA ASN A 42 -9.05 -13.39 -11.47
C ASN A 42 -8.51 -12.34 -12.44
N LEU A 43 -9.22 -12.14 -13.56
CA LEU A 43 -8.80 -11.18 -14.56
C LEU A 43 -9.40 -9.81 -14.28
N LYS A 44 -8.65 -8.76 -14.60
CA LYS A 44 -9.12 -7.40 -14.39
C LYS A 44 -9.34 -6.68 -15.72
N GLU A 45 -10.46 -5.97 -15.83
CA GLU A 45 -10.79 -5.24 -17.05
C GLU A 45 -9.81 -4.09 -17.28
N LYS A 46 -9.28 -3.55 -16.18
CA LYS A 46 -8.33 -2.45 -16.26
C LYS A 46 -8.74 -1.46 -17.35
N MET A 47 -10.04 -1.19 -17.44
CA MET A 47 -10.55 -0.26 -18.44
C MET A 47 -9.97 1.14 -18.23
N GLU A 48 -9.84 1.54 -16.97
CA GLU A 48 -9.30 2.85 -16.63
C GLU A 48 -10.16 3.97 -17.25
N ALA A 49 -11.46 3.89 -17.02
CA ALA A 49 -12.39 4.89 -17.55
C ALA A 49 -12.04 6.28 -17.04
N GLY A 50 -12.31 7.30 -17.85
CA GLY A 50 -12.03 8.66 -17.45
C GLY A 50 -10.62 9.09 -17.81
N SER A 1 0.50 25.00 29.15
CA SER A 1 -0.57 25.89 28.73
C SER A 1 -0.22 26.60 27.42
N ASN A 2 0.59 25.93 26.60
CA ASN A 2 1.00 26.49 25.33
C ASN A 2 0.31 25.77 24.17
N ALA A 3 -0.35 26.55 23.32
CA ALA A 3 -1.06 25.99 22.17
C ALA A 3 -0.20 26.06 20.91
N ASP A 4 0.54 24.99 20.64
CA ASP A 4 1.41 24.94 19.47
C ASP A 4 2.04 23.56 19.33
N VAL A 5 1.64 22.84 18.29
CA VAL A 5 2.17 21.50 18.03
C VAL A 5 2.79 21.41 16.65
N VAL A 6 3.90 22.13 16.46
CA VAL A 6 4.60 22.13 15.18
C VAL A 6 6.02 21.62 15.33
N TYR A 7 6.61 21.87 16.50
CA TYR A 7 7.98 21.43 16.78
C TYR A 7 7.99 20.04 17.41
N GLU A 8 6.94 19.73 18.16
CA GLU A 8 6.83 18.43 18.81
C GLU A 8 6.88 17.29 17.79
N LYS A 9 7.13 16.08 18.27
CA LYS A 9 7.21 14.91 17.40
C LYS A 9 5.82 14.50 16.92
N GLN A 10 5.27 15.27 15.99
CA GLN A 10 3.94 14.98 15.45
C GLN A 10 3.84 13.52 15.04
N MET A 11 4.98 12.90 14.72
CA MET A 11 5.01 11.50 14.32
C MET A 11 4.17 11.28 13.07
N LEU A 12 3.93 12.36 12.32
CA LEU A 12 3.15 12.28 11.09
C LEU A 12 3.98 11.70 9.95
N TYR A 13 5.22 12.16 9.84
CA TYR A 13 6.12 11.69 8.79
C TYR A 13 6.19 10.17 8.78
N LEU A 14 5.92 9.56 9.93
CA LEU A 14 5.96 8.11 10.05
C LEU A 14 4.70 7.48 9.45
N TYR A 15 3.55 8.12 9.69
CA TYR A 15 2.29 7.62 9.17
C TYR A 15 2.23 7.75 7.65
N VAL A 16 2.78 8.86 7.14
CA VAL A 16 2.79 9.11 5.70
C VAL A 16 3.78 8.19 4.99
N LEU A 17 4.87 7.86 5.67
CA LEU A 17 5.89 6.98 5.11
C LEU A 17 5.42 5.53 5.10
N SER A 18 4.70 5.14 6.14
CA SER A 18 4.19 3.78 6.26
C SER A 18 3.03 3.55 5.29
N GLY A 19 2.34 4.63 4.94
CA GLY A 19 1.21 4.53 4.04
C GLY A 19 1.65 4.43 2.58
N ILE A 20 2.71 5.15 2.23
CA ILE A 20 3.23 5.14 0.87
C ILE A 20 4.01 3.86 0.59
N GLY A 21 4.63 3.32 1.63
CA GLY A 21 5.40 2.10 1.47
C GLY A 21 4.54 0.86 1.49
N GLY A 22 3.48 0.89 2.28
CA GLY A 22 2.57 -0.25 2.37
C GLY A 22 1.64 -0.35 1.18
N LEU A 23 1.31 0.80 0.60
CA LEU A 23 0.41 0.84 -0.56
C LEU A 23 1.16 0.48 -1.83
N LEU A 24 2.43 0.89 -1.91
CA LEU A 24 3.25 0.62 -3.08
C LEU A 24 3.69 -0.85 -3.10
N LEU A 25 3.89 -1.41 -1.93
CA LEU A 25 4.30 -2.81 -1.81
C LEU A 25 3.12 -3.74 -2.03
N LEU A 26 1.92 -3.26 -1.72
CA LEU A 26 0.71 -4.05 -1.88
C LEU A 26 0.32 -4.16 -3.35
N LEU A 27 0.53 -3.08 -4.09
CA LEU A 27 0.20 -3.05 -5.51
C LEU A 27 1.23 -3.83 -6.32
N LEU A 28 2.49 -3.77 -5.89
CA LEU A 28 3.57 -4.47 -6.58
C LEU A 28 3.55 -5.96 -6.23
N ILE A 29 3.16 -6.28 -5.00
CA ILE A 29 3.09 -7.66 -4.56
C ILE A 29 1.94 -8.40 -5.23
N PHE A 30 0.85 -7.68 -5.49
CA PHE A 30 -0.32 -8.27 -6.12
C PHE A 30 -0.07 -8.51 -7.61
N ILE A 31 0.62 -7.57 -8.25
CA ILE A 31 0.93 -7.68 -9.67
C ILE A 31 2.05 -8.69 -9.91
N VAL A 32 3.00 -8.75 -8.98
CA VAL A 32 4.12 -9.67 -9.10
C VAL A 32 3.67 -11.11 -8.87
N LEU A 33 2.65 -11.27 -8.05
CA LEU A 33 2.12 -12.60 -7.74
C LEU A 33 1.16 -13.07 -8.83
N TYR A 34 0.52 -12.12 -9.49
CA TYR A 34 -0.42 -12.43 -10.56
C TYR A 34 0.30 -12.63 -11.88
N LYS A 35 1.53 -12.16 -11.95
CA LYS A 35 2.34 -12.28 -13.16
C LYS A 35 3.21 -13.53 -13.11
N VAL A 36 3.55 -13.96 -11.90
CA VAL A 36 4.38 -15.14 -11.71
C VAL A 36 3.55 -16.41 -11.75
N GLY A 37 2.26 -16.28 -11.43
CA GLY A 37 1.37 -17.42 -11.43
C GLY A 37 0.97 -17.85 -10.04
N PHE A 38 0.53 -16.88 -9.23
CA PHE A 38 0.11 -17.16 -7.86
C PHE A 38 -1.34 -16.71 -7.63
N PHE A 39 -1.63 -15.48 -8.02
CA PHE A 39 -2.96 -14.93 -7.85
C PHE A 39 -3.71 -14.88 -9.19
N LYS A 40 -3.06 -15.40 -10.23
CA LYS A 40 -3.65 -15.41 -11.55
C LYS A 40 -5.03 -16.07 -11.54
N ARG A 41 -6.08 -15.26 -11.71
CA ARG A 41 -7.44 -15.77 -11.70
C ARG A 41 -8.12 -15.49 -13.04
N ASN A 42 -8.19 -14.22 -13.42
CA ASN A 42 -8.81 -13.82 -14.67
C ASN A 42 -8.09 -12.62 -15.28
N LEU A 43 -8.38 -12.36 -16.56
CA LEU A 43 -7.76 -11.24 -17.26
C LEU A 43 -8.66 -10.01 -17.23
N LYS A 44 -8.32 -9.06 -16.36
CA LYS A 44 -9.09 -7.83 -16.24
C LYS A 44 -8.90 -6.94 -17.46
N GLU A 45 -9.95 -6.20 -17.82
CA GLU A 45 -9.90 -5.31 -18.97
C GLU A 45 -9.83 -3.85 -18.53
N LYS A 46 -10.35 -3.58 -17.34
CA LYS A 46 -10.35 -2.22 -16.79
C LYS A 46 -9.03 -1.91 -16.11
N MET A 47 -8.43 -2.93 -15.51
CA MET A 47 -7.15 -2.77 -14.82
C MET A 47 -6.03 -3.49 -15.56
N GLU A 48 -4.80 -3.04 -15.35
CA GLU A 48 -3.64 -3.65 -16.00
C GLU A 48 -3.78 -3.60 -17.51
N ALA A 49 -4.54 -2.62 -18.00
CA ALA A 49 -4.77 -2.47 -19.43
C ALA A 49 -3.60 -1.74 -20.09
N GLY A 50 -2.56 -2.49 -20.43
CA GLY A 50 -1.39 -1.90 -21.06
C GLY A 50 -0.40 -2.95 -21.54
N SER A 1 -6.97 17.40 19.07
CA SER A 1 -7.35 17.97 17.79
C SER A 1 -6.11 18.38 16.99
N ASN A 2 -6.31 18.67 15.71
CA ASN A 2 -5.21 19.07 14.84
C ASN A 2 -5.61 20.27 13.98
N ALA A 3 -5.44 21.48 14.53
CA ALA A 3 -5.78 22.70 13.82
C ALA A 3 -4.52 23.41 13.33
N ASP A 4 -3.48 22.64 13.06
CA ASP A 4 -2.21 23.20 12.59
C ASP A 4 -1.22 22.09 12.24
N VAL A 5 -0.92 21.94 10.96
CA VAL A 5 0.01 20.93 10.50
C VAL A 5 1.27 21.56 9.92
N VAL A 6 1.99 22.31 10.74
CA VAL A 6 3.21 22.96 10.31
C VAL A 6 4.40 22.52 11.15
N TYR A 7 4.15 22.23 12.42
CA TYR A 7 5.19 21.80 13.34
C TYR A 7 5.94 20.59 12.78
N GLU A 8 6.97 20.16 13.51
CA GLU A 8 7.77 19.01 13.09
C GLU A 8 7.65 17.87 14.09
N LYS A 9 7.14 18.19 15.28
CA LYS A 9 6.98 17.19 16.32
C LYS A 9 5.65 16.47 16.19
N GLN A 10 5.04 16.58 15.01
CA GLN A 10 3.75 15.94 14.75
C GLN A 10 3.88 14.42 14.81
N MET A 11 5.11 13.93 14.71
CA MET A 11 5.36 12.49 14.75
C MET A 11 4.46 11.75 13.78
N LEU A 12 4.06 12.43 12.71
CA LEU A 12 3.19 11.84 11.69
C LEU A 12 4.01 11.30 10.52
N TYR A 13 5.23 11.80 10.39
CA TYR A 13 6.11 11.36 9.31
C TYR A 13 6.26 9.85 9.29
N LEU A 14 6.03 9.22 10.44
CA LEU A 14 6.13 7.78 10.57
C LEU A 14 4.88 7.09 10.03
N TYR A 15 3.71 7.66 10.35
CA TYR A 15 2.45 7.09 9.88
C TYR A 15 2.29 7.28 8.39
N VAL A 16 2.79 8.40 7.87
CA VAL A 16 2.70 8.71 6.45
C VAL A 16 3.68 7.86 5.65
N LEU A 17 4.83 7.56 6.25
CA LEU A 17 5.85 6.76 5.59
C LEU A 17 5.45 5.28 5.57
N SER A 18 4.78 4.84 6.63
CA SER A 18 4.35 3.45 6.73
C SER A 18 3.17 3.18 5.80
N GLY A 19 2.36 4.21 5.56
CA GLY A 19 1.20 4.07 4.70
C GLY A 19 1.58 4.00 3.24
N ILE A 20 2.56 4.82 2.84
CA ILE A 20 3.01 4.86 1.46
C ILE A 20 3.82 3.62 1.11
N GLY A 21 4.52 3.07 2.11
CA GLY A 21 5.33 1.88 1.88
C GLY A 21 4.49 0.63 1.75
N GLY A 22 3.38 0.58 2.50
CA GLY A 22 2.50 -0.58 2.44
C GLY A 22 1.69 -0.63 1.18
N LEU A 23 1.32 0.54 0.65
CA LEU A 23 0.53 0.61 -0.57
C LEU A 23 1.37 0.24 -1.79
N LEU A 24 2.63 0.67 -1.79
CA LEU A 24 3.54 0.37 -2.88
C LEU A 24 3.86 -1.12 -2.95
N LEU A 25 4.02 -1.73 -1.80
CA LEU A 25 4.32 -3.16 -1.72
C LEU A 25 3.10 -3.99 -2.08
N LEU A 26 1.91 -3.43 -1.84
CA LEU A 26 0.66 -4.12 -2.15
C LEU A 26 0.42 -4.15 -3.65
N LEU A 27 0.75 -3.07 -4.33
CA LEU A 27 0.57 -2.97 -5.77
C LEU A 27 1.55 -3.86 -6.51
N LEU A 28 2.81 -3.84 -6.06
CA LEU A 28 3.85 -4.65 -6.69
C LEU A 28 3.64 -6.13 -6.39
N ILE A 29 3.13 -6.42 -5.20
CA ILE A 29 2.88 -7.80 -4.78
C ILE A 29 1.72 -8.41 -5.57
N PHE A 30 0.77 -7.56 -5.95
CA PHE A 30 -0.40 -8.01 -6.70
C PHE A 30 0.00 -8.36 -8.14
N ILE A 31 0.84 -7.53 -8.73
CA ILE A 31 1.30 -7.75 -10.10
C ILE A 31 2.31 -8.89 -10.16
N VAL A 32 3.13 -9.01 -9.13
CA VAL A 32 4.14 -10.06 -9.06
C VAL A 32 3.50 -11.43 -8.88
N LEU A 33 2.34 -11.45 -8.24
CA LEU A 33 1.62 -12.70 -8.00
C LEU A 33 0.75 -13.06 -9.20
N TYR A 34 0.27 -12.05 -9.91
CA TYR A 34 -0.57 -12.27 -11.08
C TYR A 34 0.27 -12.55 -12.32
N LYS A 35 1.57 -12.28 -12.21
CA LYS A 35 2.49 -12.51 -13.31
C LYS A 35 3.29 -13.79 -13.11
N VAL A 36 3.49 -14.15 -11.84
CA VAL A 36 4.23 -15.36 -11.51
C VAL A 36 3.39 -16.62 -11.77
N GLY A 37 2.08 -16.48 -11.58
CA GLY A 37 1.19 -17.61 -11.80
C GLY A 37 0.22 -17.81 -10.64
N PHE A 38 0.45 -17.08 -9.55
CA PHE A 38 -0.41 -17.18 -8.38
C PHE A 38 -1.85 -16.83 -8.73
N PHE A 39 -2.07 -15.56 -9.10
CA PHE A 39 -3.40 -15.09 -9.46
C PHE A 39 -3.71 -15.38 -10.92
N LYS A 40 -2.66 -15.63 -11.70
CA LYS A 40 -2.81 -15.93 -13.12
C LYS A 40 -3.83 -17.03 -13.34
N ARG A 41 -4.93 -16.68 -14.02
CA ARG A 41 -5.99 -17.64 -14.30
C ARG A 41 -5.45 -18.85 -15.07
N ASN A 42 -5.84 -20.04 -14.64
CA ASN A 42 -5.39 -21.27 -15.30
C ASN A 42 -6.16 -22.48 -14.77
N LEU A 43 -6.11 -23.58 -15.51
CA LEU A 43 -6.79 -24.81 -15.12
C LEU A 43 -6.26 -25.32 -13.79
N LYS A 44 -6.95 -24.97 -12.71
CA LYS A 44 -6.54 -25.40 -11.38
C LYS A 44 -7.67 -26.18 -10.70
N GLU A 45 -8.87 -25.59 -10.70
CA GLU A 45 -10.03 -26.24 -10.08
C GLU A 45 -9.81 -26.41 -8.58
N LYS A 46 -9.20 -25.42 -7.95
CA LYS A 46 -8.94 -25.46 -6.52
C LYS A 46 -9.74 -24.40 -5.78
N MET A 47 -11.03 -24.66 -5.57
CA MET A 47 -11.90 -23.73 -4.88
C MET A 47 -11.49 -23.57 -3.42
N GLU A 48 -11.29 -22.34 -3.00
CA GLU A 48 -10.89 -22.05 -1.62
C GLU A 48 -11.94 -21.20 -0.91
N ALA A 49 -13.14 -21.77 -0.76
CA ALA A 49 -14.23 -21.06 -0.10
C ALA A 49 -14.13 -21.20 1.42
N GLY A 50 -13.26 -20.40 2.03
CA GLY A 50 -13.09 -20.44 3.47
C GLY A 50 -12.06 -19.44 3.96
#